data_2RN0
#
_entry.id   2RN0
#
_entity_poly.entity_id   1
_entity_poly.type   'polypeptide(L)'
_entity_poly.pdbx_seq_one_letter_code
;PESPKGPDILVVLLSVMGAILLIGLAALLIWKLLITIHDRKEF
;
_entity_poly.pdbx_strand_id   A
#
# COMPACT_ATOMS: atom_id res chain seq x y z
N PRO A 1 12.45 16.82 22.09
CA PRO A 1 13.08 18.16 22.32
C PRO A 1 14.57 17.97 22.55
N GLU A 2 14.92 17.24 23.60
CA GLU A 2 16.33 16.95 23.84
C GLU A 2 16.75 15.94 22.80
N SER A 3 15.75 15.14 22.43
CA SER A 3 15.88 14.11 21.43
C SER A 3 14.56 14.00 20.69
N PRO A 4 14.25 14.94 19.85
CA PRO A 4 13.00 14.88 19.10
C PRO A 4 13.17 13.86 18.01
N LYS A 5 14.15 12.95 18.18
CA LYS A 5 14.33 11.91 17.19
C LYS A 5 12.97 11.31 17.04
N GLY A 6 12.35 11.10 18.23
CA GLY A 6 11.04 10.47 18.34
C GLY A 6 10.96 9.49 17.21
N PRO A 7 10.50 9.90 16.07
CA PRO A 7 10.56 9.09 14.87
C PRO A 7 11.60 9.72 13.95
N ASP A 8 12.67 9.01 13.56
CA ASP A 8 13.60 9.66 12.63
C ASP A 8 12.69 10.13 11.52
N ILE A 9 12.78 11.35 11.02
CA ILE A 9 11.88 11.83 10.00
C ILE A 9 11.84 10.80 8.91
N LEU A 10 12.91 10.04 8.88
CA LEU A 10 13.06 8.97 7.95
C LEU A 10 12.02 7.88 8.23
N VAL A 11 11.80 7.54 9.52
CA VAL A 11 10.84 6.52 9.92
C VAL A 11 9.39 6.88 9.58
N VAL A 12 8.98 8.12 9.84
CA VAL A 12 7.60 8.50 9.50
C VAL A 12 7.43 8.36 8.00
N LEU A 13 8.39 8.95 7.30
CA LEU A 13 8.37 8.92 5.85
C LEU A 13 8.49 7.50 5.33
N LEU A 14 9.38 6.70 5.94
CA LEU A 14 9.57 5.32 5.52
C LEU A 14 8.28 4.51 5.71
N SER A 15 7.57 4.81 6.81
CA SER A 15 6.30 4.16 7.11
C SER A 15 5.23 4.60 6.13
N VAL A 16 5.23 5.89 5.82
CA VAL A 16 4.25 6.44 4.90
C VAL A 16 4.41 5.77 3.55
N MET A 17 5.67 5.67 3.11
CA MET A 17 5.97 5.08 1.81
C MET A 17 5.54 3.61 1.76
N GLY A 18 5.84 2.86 2.82
CA GLY A 18 5.48 1.46 2.85
C GLY A 18 3.98 1.27 2.90
N ALA A 19 3.31 2.07 3.73
CA ALA A 19 1.87 1.96 3.89
C ALA A 19 1.13 2.14 2.56
N ILE A 20 1.51 3.20 1.86
CA ILE A 20 0.88 3.49 0.56
C ILE A 20 1.17 2.38 -0.45
N LEU A 21 2.41 1.91 -0.48
CA LEU A 21 2.81 0.87 -1.42
C LEU A 21 2.08 -0.45 -1.16
N LEU A 22 1.92 -0.81 0.11
CA LEU A 22 1.25 -2.06 0.45
C LEU A 22 -0.22 -2.10 0.04
N ILE A 23 -0.85 -0.93 0.21
CA ILE A 23 -2.26 -0.79 -0.17
C ILE A 23 -2.38 -0.93 -1.70
N GLY A 24 -1.45 -0.30 -2.40
CA GLY A 24 -1.44 -0.35 -3.86
C GLY A 24 -1.39 -1.79 -4.36
N LEU A 25 -0.56 -2.60 -3.72
CA LEU A 25 -0.46 -4.01 -4.12
C LEU A 25 -1.80 -4.71 -3.92
N ALA A 26 -2.43 -4.47 -2.79
CA ALA A 26 -3.72 -5.07 -2.52
C ALA A 26 -4.75 -4.61 -3.57
N ALA A 27 -4.67 -3.34 -3.94
CA ALA A 27 -5.59 -2.80 -4.94
C ALA A 27 -5.44 -3.54 -6.27
N LEU A 28 -4.20 -3.68 -6.71
CA LEU A 28 -3.92 -4.36 -7.98
C LEU A 28 -4.34 -5.83 -7.95
N LEU A 29 -4.10 -6.48 -6.82
CA LEU A 29 -4.38 -7.89 -6.70
C LEU A 29 -5.86 -8.25 -6.84
N ILE A 30 -6.72 -7.45 -6.20
CA ILE A 30 -8.16 -7.66 -6.33
C ILE A 30 -8.52 -7.37 -7.78
N TRP A 31 -7.94 -6.28 -8.33
CA TRP A 31 -8.25 -5.97 -9.72
C TRP A 31 -7.97 -7.24 -10.53
N LYS A 32 -6.77 -7.76 -10.36
CA LYS A 32 -6.36 -8.97 -11.06
C LYS A 32 -7.25 -10.15 -10.63
N LEU A 33 -7.60 -10.23 -9.33
CA LEU A 33 -8.46 -11.32 -8.87
C LEU A 33 -9.75 -11.18 -9.65
N LEU A 34 -10.29 -9.98 -9.77
CA LEU A 34 -11.54 -9.85 -10.49
C LEU A 34 -11.39 -10.50 -11.85
N ILE A 35 -10.40 -10.05 -12.60
CA ILE A 35 -10.15 -10.60 -13.93
C ILE A 35 -9.60 -12.02 -13.97
N THR A 36 -8.64 -12.40 -13.13
CA THR A 36 -8.12 -13.76 -13.20
C THR A 36 -9.17 -14.80 -12.81
N ILE A 37 -9.94 -14.57 -11.75
CA ILE A 37 -10.96 -15.55 -11.37
C ILE A 37 -11.96 -15.65 -12.52
N HIS A 38 -11.81 -14.58 -13.30
CA HIS A 38 -12.60 -14.33 -14.51
C HIS A 38 -13.62 -13.26 -14.19
N ASP A 39 -13.21 -11.99 -14.44
CA ASP A 39 -14.05 -10.82 -14.17
C ASP A 39 -15.50 -11.21 -14.27
N ARG A 40 -16.01 -11.24 -15.48
CA ARG A 40 -17.38 -11.61 -15.70
C ARG A 40 -17.72 -11.45 -17.15
N LYS A 41 -18.98 -11.70 -17.44
CA LYS A 41 -19.49 -11.46 -18.75
C LYS A 41 -19.92 -10.02 -18.75
N GLU A 42 -19.25 -9.24 -17.88
CA GLU A 42 -19.50 -7.81 -17.74
C GLU A 42 -19.74 -7.21 -19.10
N PHE A 43 -19.23 -7.88 -20.11
CA PHE A 43 -19.38 -7.46 -21.48
C PHE A 43 -20.88 -7.40 -21.82
N PRO A 1 17.90 18.12 14.53
CA PRO A 1 18.98 17.36 13.87
C PRO A 1 19.91 16.77 14.92
N GLU A 2 19.90 17.37 16.11
CA GLU A 2 20.74 16.89 17.21
C GLU A 2 19.87 16.50 18.40
N SER A 3 20.14 15.33 18.98
CA SER A 3 19.38 14.88 20.12
C SER A 3 17.89 15.07 19.87
N PRO A 4 17.37 14.43 18.85
CA PRO A 4 15.92 14.54 18.48
C PRO A 4 15.01 13.87 19.49
N LYS A 5 13.82 14.43 19.67
CA LYS A 5 12.85 13.88 20.60
C LYS A 5 11.82 13.04 19.84
N GLY A 6 11.35 11.97 20.48
CA GLY A 6 10.37 11.09 19.83
C GLY A 6 10.98 10.42 18.60
N PRO A 7 10.15 9.83 17.78
CA PRO A 7 10.61 9.14 16.54
C PRO A 7 11.26 10.11 15.56
N ASP A 8 12.27 9.64 14.84
CA ASP A 8 12.95 10.49 13.86
C ASP A 8 12.09 10.64 12.61
N ILE A 9 12.10 11.85 12.05
CA ILE A 9 11.32 12.12 10.86
C ILE A 9 11.58 11.06 9.80
N LEU A 10 12.76 10.45 9.84
CA LEU A 10 13.13 9.42 8.88
C LEU A 10 12.21 8.21 9.01
N VAL A 11 11.90 7.83 10.25
CA VAL A 11 11.04 6.69 10.51
C VAL A 11 9.63 6.93 9.99
N VAL A 12 9.13 8.15 10.19
CA VAL A 12 7.79 8.49 9.75
C VAL A 12 7.67 8.35 8.23
N LEU A 13 8.66 8.90 7.53
CA LEU A 13 8.65 8.86 6.07
C LEU A 13 8.71 7.42 5.55
N LEU A 14 9.55 6.59 6.18
CA LEU A 14 9.68 5.20 5.76
C LEU A 14 8.37 4.43 5.95
N SER A 15 7.69 4.71 7.06
CA SER A 15 6.42 4.07 7.37
C SER A 15 5.34 4.48 6.37
N VAL A 16 5.32 5.76 6.04
CA VAL A 16 4.32 6.27 5.11
C VAL A 16 4.47 5.64 3.73
N MET A 17 5.70 5.56 3.24
CA MET A 17 5.95 5.00 1.91
C MET A 17 5.53 3.54 1.81
N GLY A 18 5.82 2.76 2.85
CA GLY A 18 5.45 1.35 2.83
C GLY A 18 3.93 1.19 2.84
N ALA A 19 3.28 1.99 3.67
CA ALA A 19 1.84 1.94 3.80
C ALA A 19 1.14 2.15 2.46
N ILE A 20 1.56 3.19 1.74
CA ILE A 20 0.98 3.50 0.44
C ILE A 20 1.27 2.39 -0.57
N LEU A 21 2.51 1.91 -0.57
CA LEU A 21 2.92 0.86 -1.50
C LEU A 21 2.15 -0.43 -1.27
N LEU A 22 2.00 -0.83 -0.02
CA LEU A 22 1.30 -2.08 0.29
C LEU A 22 -0.18 -2.01 -0.11
N ILE A 23 -0.80 -0.87 0.15
CA ILE A 23 -2.20 -0.68 -0.22
C ILE A 23 -2.33 -0.78 -1.73
N GLY A 24 -1.39 -0.15 -2.43
CA GLY A 24 -1.40 -0.19 -3.88
C GLY A 24 -1.37 -1.62 -4.38
N LEU A 25 -0.55 -2.46 -3.73
CA LEU A 25 -0.46 -3.85 -4.13
C LEU A 25 -1.79 -4.55 -3.90
N ALA A 26 -2.41 -4.29 -2.75
CA ALA A 26 -3.69 -4.89 -2.44
C ALA A 26 -4.73 -4.43 -3.46
N ALA A 27 -4.64 -3.16 -3.84
CA ALA A 27 -5.57 -2.61 -4.82
C ALA A 27 -5.40 -3.34 -6.15
N LEU A 28 -4.16 -3.49 -6.58
CA LEU A 28 -3.86 -4.15 -7.84
C LEU A 28 -4.28 -5.62 -7.84
N LEU A 29 -4.05 -6.30 -6.71
CA LEU A 29 -4.36 -7.72 -6.61
C LEU A 29 -5.85 -8.03 -6.75
N ILE A 30 -6.70 -7.24 -6.11
CA ILE A 30 -8.14 -7.47 -6.22
C ILE A 30 -8.60 -7.20 -7.66
N TRP A 31 -7.99 -6.20 -8.27
CA TRP A 31 -8.36 -5.88 -9.66
C TRP A 31 -8.16 -7.14 -10.52
N LYS A 32 -6.98 -7.76 -10.38
CA LYS A 32 -6.65 -8.95 -11.14
C LYS A 32 -7.64 -10.09 -10.85
N LEU A 33 -8.04 -10.21 -9.59
CA LEU A 33 -8.98 -11.25 -9.20
C LEU A 33 -10.31 -11.04 -9.93
N LEU A 34 -10.74 -9.79 -10.08
CA LEU A 34 -12.01 -9.50 -10.72
C LEU A 34 -12.05 -10.01 -12.16
N ILE A 35 -10.98 -9.75 -12.91
CA ILE A 35 -10.94 -10.14 -14.32
C ILE A 35 -10.44 -11.57 -14.52
N THR A 36 -9.49 -12.03 -13.71
CA THR A 36 -8.98 -13.39 -13.87
C THR A 36 -10.08 -14.41 -13.59
N ILE A 37 -10.85 -14.20 -12.53
CA ILE A 37 -11.93 -15.14 -12.19
C ILE A 37 -13.00 -15.14 -13.28
N HIS A 38 -13.39 -13.94 -13.72
CA HIS A 38 -14.41 -13.81 -14.77
C HIS A 38 -13.93 -12.84 -15.84
N ASP A 39 -14.34 -13.10 -17.09
CA ASP A 39 -13.95 -12.26 -18.22
C ASP A 39 -14.74 -10.95 -18.22
N ARG A 40 -14.03 -9.85 -18.03
CA ARG A 40 -14.66 -8.53 -18.00
C ARG A 40 -15.18 -8.16 -19.38
N LYS A 41 -16.42 -7.68 -19.43
CA LYS A 41 -17.04 -7.29 -20.70
C LYS A 41 -17.25 -5.78 -20.76
N GLU A 42 -17.12 -5.22 -21.95
CA GLU A 42 -17.30 -3.78 -22.13
C GLU A 42 -16.68 -3.00 -20.98
N PHE A 43 -17.53 -2.28 -20.26
CA PHE A 43 -17.06 -1.48 -19.12
C PHE A 43 -18.03 -1.61 -17.95
N PRO A 1 -1.54 12.55 24.13
CA PRO A 1 -1.06 13.93 23.91
C PRO A 1 -0.16 14.36 25.06
N GLU A 2 0.58 13.41 25.63
CA GLU A 2 1.49 13.74 26.73
C GLU A 2 2.80 12.98 26.58
N SER A 3 3.89 13.66 26.94
CA SER A 3 5.22 13.06 26.87
C SER A 3 5.42 12.33 25.55
N PRO A 4 5.59 13.07 24.49
CA PRO A 4 5.80 12.48 23.13
C PRO A 4 7.02 11.58 23.06
N LYS A 5 6.90 10.50 22.28
CA LYS A 5 8.00 9.56 22.11
C LYS A 5 9.19 10.24 21.45
N GLY A 6 8.90 11.12 20.49
CA GLY A 6 9.97 11.83 19.79
C GLY A 6 10.61 10.93 18.73
N PRO A 7 9.82 10.43 17.83
CA PRO A 7 10.30 9.53 16.74
C PRO A 7 11.04 10.27 15.64
N ASP A 8 11.91 9.55 14.94
CA ASP A 8 12.70 10.14 13.87
C ASP A 8 11.82 10.49 12.68
N ILE A 9 12.26 11.53 11.97
CA ILE A 9 11.58 12.00 10.77
C ILE A 9 11.66 10.95 9.66
N LEU A 10 12.82 10.32 9.56
CA LEU A 10 13.04 9.31 8.53
C LEU A 10 12.09 8.12 8.70
N VAL A 11 11.88 7.70 9.94
CA VAL A 11 10.99 6.57 10.23
C VAL A 11 9.55 6.88 9.80
N VAL A 12 9.12 8.11 10.06
CA VAL A 12 7.76 8.51 9.68
C VAL A 12 7.58 8.41 8.17
N LEU A 13 8.55 8.95 7.44
CA LEU A 13 8.49 8.92 5.98
C LEU A 13 8.56 7.48 5.46
N LEU A 14 9.42 6.67 6.07
CA LEU A 14 9.57 5.27 5.67
C LEU A 14 8.28 4.50 5.85
N SER A 15 7.59 4.77 6.96
CA SER A 15 6.31 4.12 7.24
C SER A 15 5.25 4.57 6.24
N VAL A 16 5.29 5.85 5.90
CA VAL A 16 4.32 6.42 4.96
C VAL A 16 4.44 5.74 3.61
N MET A 17 5.66 5.60 3.12
CA MET A 17 5.90 5.00 1.82
C MET A 17 5.44 3.53 1.79
N GLY A 18 5.71 2.79 2.85
CA GLY A 18 5.32 1.39 2.91
C GLY A 18 3.81 1.22 2.93
N ALA A 19 3.14 2.01 3.77
CA ALA A 19 1.70 1.91 3.89
C ALA A 19 1.00 2.12 2.56
N ILE A 20 1.38 3.19 1.87
CA ILE A 20 0.80 3.49 0.57
C ILE A 20 1.12 2.38 -0.44
N LEU A 21 2.38 1.92 -0.43
CA LEU A 21 2.81 0.88 -1.35
C LEU A 21 2.09 -0.44 -1.11
N LEU A 22 1.94 -0.82 0.14
CA LEU A 22 1.27 -2.07 0.48
C LEU A 22 -0.19 -2.05 0.05
N ILE A 23 -0.83 -0.92 0.29
CA ILE A 23 -2.23 -0.74 -0.09
C ILE A 23 -2.37 -0.83 -1.60
N GLY A 24 -1.46 -0.18 -2.31
CA GLY A 24 -1.47 -0.19 -3.76
C GLY A 24 -1.38 -1.62 -4.28
N LEU A 25 -0.51 -2.42 -3.65
CA LEU A 25 -0.36 -3.80 -4.05
C LEU A 25 -1.66 -4.56 -3.83
N ALA A 26 -2.28 -4.32 -2.68
CA ALA A 26 -3.54 -5.00 -2.38
C ALA A 26 -4.60 -4.59 -3.40
N ALA A 27 -4.55 -3.32 -3.82
CA ALA A 27 -5.52 -2.84 -4.81
C ALA A 27 -5.33 -3.53 -6.15
N LEU A 28 -4.07 -3.66 -6.59
CA LEU A 28 -3.75 -4.29 -7.87
C LEU A 28 -4.19 -5.75 -7.88
N LEU A 29 -3.95 -6.43 -6.76
CA LEU A 29 -4.28 -7.84 -6.64
C LEU A 29 -5.78 -8.11 -6.81
N ILE A 30 -6.58 -7.27 -6.15
CA ILE A 30 -8.03 -7.41 -6.25
C ILE A 30 -8.47 -7.16 -7.69
N TRP A 31 -7.89 -6.14 -8.30
CA TRP A 31 -8.24 -5.84 -9.68
C TRP A 31 -8.01 -7.11 -10.53
N LYS A 32 -6.85 -7.72 -10.37
CA LYS A 32 -6.52 -8.93 -11.12
C LYS A 32 -7.53 -10.05 -10.83
N LEU A 33 -7.93 -10.17 -9.57
CA LEU A 33 -8.89 -11.19 -9.16
C LEU A 33 -10.22 -10.94 -9.88
N LEU A 34 -10.62 -9.69 -10.03
CA LEU A 34 -11.89 -9.37 -10.66
C LEU A 34 -11.95 -9.87 -12.11
N ILE A 35 -10.88 -9.64 -12.86
CA ILE A 35 -10.85 -10.05 -14.26
C ILE A 35 -10.38 -11.49 -14.46
N THR A 36 -9.44 -11.95 -13.64
CA THR A 36 -8.96 -13.32 -13.77
C THR A 36 -10.09 -14.31 -13.50
N ILE A 37 -10.84 -14.04 -12.45
CA ILE A 37 -11.95 -14.92 -12.09
C ILE A 37 -13.00 -14.93 -13.19
N HIS A 38 -13.32 -13.72 -13.68
CA HIS A 38 -14.30 -13.58 -14.73
C HIS A 38 -14.08 -14.64 -15.81
N ASP A 39 -15.16 -15.04 -16.46
CA ASP A 39 -15.08 -16.05 -17.50
C ASP A 39 -14.27 -15.54 -18.69
N ARG A 40 -14.43 -14.25 -18.99
CA ARG A 40 -13.71 -13.62 -20.11
C ARG A 40 -14.11 -14.26 -21.45
N LYS A 41 -14.17 -15.58 -21.47
CA LYS A 41 -14.53 -16.31 -22.69
C LYS A 41 -15.93 -15.94 -23.15
N GLU A 42 -16.85 -15.83 -22.20
CA GLU A 42 -18.24 -15.48 -22.53
C GLU A 42 -18.36 -13.98 -22.78
N PHE A 43 -19.27 -13.62 -23.67
CA PHE A 43 -19.51 -12.22 -24.01
C PHE A 43 -20.52 -11.60 -23.05
N PRO A 1 18.33 16.49 30.18
CA PRO A 1 17.26 17.14 30.98
C PRO A 1 15.93 16.95 30.28
N GLU A 2 15.75 17.64 29.16
CA GLU A 2 14.51 17.51 28.40
C GLU A 2 14.38 16.08 27.88
N SER A 3 13.23 15.46 28.14
CA SER A 3 13.00 14.10 27.70
C SER A 3 13.32 13.96 26.20
N PRO A 4 13.23 12.76 25.65
CA PRO A 4 13.51 12.53 24.21
C PRO A 4 12.58 13.34 23.31
N LYS A 5 13.11 13.79 22.17
CA LYS A 5 12.31 14.58 21.23
C LYS A 5 11.16 13.76 20.68
N GLY A 6 11.43 12.50 20.35
CA GLY A 6 10.40 11.63 19.81
C GLY A 6 10.92 10.87 18.59
N PRO A 7 10.03 10.29 17.82
CA PRO A 7 10.40 9.52 16.59
C PRO A 7 11.09 10.41 15.56
N ASP A 8 12.09 9.85 14.87
CA ASP A 8 12.81 10.61 13.85
C ASP A 8 11.98 10.74 12.59
N ILE A 9 12.05 11.92 11.97
CA ILE A 9 11.32 12.20 10.75
C ILE A 9 11.58 11.10 9.72
N LEU A 10 12.78 10.53 9.78
CA LEU A 10 13.16 9.47 8.84
C LEU A 10 12.25 8.26 8.99
N VAL A 11 11.97 7.90 10.25
CA VAL A 11 11.12 6.75 10.54
C VAL A 11 9.70 6.96 10.03
N VAL A 12 9.20 8.17 10.23
CA VAL A 12 7.84 8.50 9.79
C VAL A 12 7.73 8.37 8.27
N LEU A 13 8.69 8.95 7.56
CA LEU A 13 8.67 8.89 6.10
C LEU A 13 8.77 7.45 5.61
N LEU A 14 9.64 6.67 6.24
CA LEU A 14 9.83 5.28 5.85
C LEU A 14 8.55 4.46 6.02
N SER A 15 7.84 4.71 7.12
CA SER A 15 6.58 4.01 7.41
C SER A 15 5.50 4.44 6.42
N VAL A 16 5.50 5.71 6.06
CA VAL A 16 4.50 6.23 5.13
C VAL A 16 4.64 5.59 3.76
N MET A 17 5.88 5.50 3.27
CA MET A 17 6.14 4.94 1.95
C MET A 17 5.76 3.48 1.86
N GLY A 18 6.05 2.70 2.90
CA GLY A 18 5.71 1.29 2.88
C GLY A 18 4.21 1.09 2.90
N ALA A 19 3.52 1.86 3.74
CA ALA A 19 2.08 1.74 3.88
C ALA A 19 1.32 2.03 2.58
N ILE A 20 1.71 3.10 1.90
CA ILE A 20 1.04 3.48 0.66
C ILE A 20 1.24 2.40 -0.39
N LEU A 21 2.47 1.89 -0.49
CA LEU A 21 2.80 0.87 -1.45
C LEU A 21 2.04 -0.44 -1.18
N LEU A 22 1.92 -0.82 0.09
CA LEU A 22 1.21 -2.05 0.43
C LEU A 22 -0.26 -1.99 0.06
N ILE A 23 -0.87 -0.84 0.32
CA ILE A 23 -2.27 -0.64 -0.01
C ILE A 23 -2.46 -0.70 -1.53
N GLY A 24 -1.54 -0.05 -2.24
CA GLY A 24 -1.60 -0.02 -3.69
C GLY A 24 -1.59 -1.45 -4.25
N LEU A 25 -0.76 -2.29 -3.64
CA LEU A 25 -0.66 -3.68 -4.08
C LEU A 25 -2.00 -4.40 -3.89
N ALA A 26 -2.64 -4.17 -2.75
CA ALA A 26 -3.93 -4.81 -2.49
C ALA A 26 -4.94 -4.39 -3.55
N ALA A 27 -4.84 -3.14 -3.98
CA ALA A 27 -5.76 -2.63 -5.00
C ALA A 27 -5.58 -3.38 -6.32
N LEU A 28 -4.33 -3.54 -6.73
CA LEU A 28 -4.00 -4.22 -7.99
C LEU A 28 -4.44 -5.68 -7.99
N LEU A 29 -4.22 -6.38 -6.86
CA LEU A 29 -4.55 -7.80 -6.77
C LEU A 29 -6.05 -8.07 -6.92
N ILE A 30 -6.88 -7.24 -6.29
CA ILE A 30 -8.31 -7.43 -6.40
C ILE A 30 -8.73 -7.23 -7.86
N TRP A 31 -8.16 -6.22 -8.48
CA TRP A 31 -8.49 -5.96 -9.88
C TRP A 31 -8.23 -7.23 -10.70
N LYS A 32 -7.05 -7.82 -10.51
CA LYS A 32 -6.68 -9.03 -11.24
C LYS A 32 -7.65 -10.17 -10.91
N LEU A 33 -8.06 -10.25 -9.65
CA LEU A 33 -8.99 -11.29 -9.24
C LEU A 33 -10.29 -11.12 -10.00
N LEU A 34 -10.74 -9.88 -10.19
CA LEU A 34 -12.00 -9.66 -10.90
C LEU A 34 -11.92 -10.19 -12.34
N ILE A 35 -10.90 -9.76 -13.08
CA ILE A 35 -10.71 -10.15 -14.47
C ILE A 35 -10.29 -11.62 -14.63
N THR A 36 -9.36 -12.09 -13.79
CA THR A 36 -8.92 -13.47 -13.88
C THR A 36 -10.03 -14.47 -13.55
N ILE A 37 -10.77 -14.22 -12.46
CA ILE A 37 -11.84 -15.14 -12.08
C ILE A 37 -12.95 -15.11 -13.12
N HIS A 38 -13.31 -13.90 -13.57
CA HIS A 38 -14.36 -13.75 -14.58
C HIS A 38 -13.92 -12.71 -15.62
N ASP A 39 -14.47 -12.81 -16.82
CA ASP A 39 -14.10 -11.88 -17.89
C ASP A 39 -14.96 -10.62 -17.80
N ARG A 40 -14.33 -9.52 -17.39
CA ARG A 40 -15.04 -8.25 -17.26
C ARG A 40 -14.18 -7.09 -17.78
N LYS A 41 -14.86 -6.07 -18.32
CA LYS A 41 -14.15 -4.91 -18.87
C LYS A 41 -14.70 -3.62 -18.26
N GLU A 42 -13.82 -2.66 -18.01
CA GLU A 42 -14.22 -1.38 -17.43
C GLU A 42 -15.07 -0.58 -18.42
N PHE A 43 -14.71 -0.66 -19.70
CA PHE A 43 -15.43 0.06 -20.74
C PHE A 43 -15.45 1.56 -20.45
N PRO A 1 10.76 11.13 29.09
CA PRO A 1 11.03 10.32 27.87
C PRO A 1 11.25 11.24 26.67
N GLU A 2 10.37 12.23 26.52
CA GLU A 2 10.49 13.17 25.41
C GLU A 2 11.80 13.93 25.49
N SER A 3 12.37 14.25 24.34
CA SER A 3 13.64 14.98 24.30
C SER A 3 13.79 15.71 22.96
N PRO A 4 14.81 16.54 22.81
CA PRO A 4 15.04 17.28 21.54
C PRO A 4 15.11 16.35 20.34
N LYS A 5 15.71 15.19 20.52
CA LYS A 5 15.82 14.22 19.44
C LYS A 5 14.43 13.76 19.01
N GLY A 6 13.56 13.51 19.98
CA GLY A 6 12.21 13.06 19.68
C GLY A 6 12.23 11.97 18.62
N PRO A 7 11.08 11.57 18.14
CA PRO A 7 10.98 10.53 17.09
C PRO A 7 11.74 10.91 15.81
N ASP A 8 12.37 9.92 15.18
CA ASP A 8 13.13 10.19 13.97
C ASP A 8 12.18 10.61 12.84
N ILE A 9 12.63 11.59 12.08
CA ILE A 9 11.86 12.11 10.96
C ILE A 9 11.85 11.08 9.84
N LEU A 10 12.98 10.39 9.72
CA LEU A 10 13.15 9.37 8.69
C LEU A 10 12.16 8.23 8.88
N VAL A 11 11.95 7.84 10.14
CA VAL A 11 11.04 6.73 10.46
C VAL A 11 9.62 7.05 10.03
N VAL A 12 9.18 8.28 10.28
CA VAL A 12 7.83 8.68 9.90
C VAL A 12 7.66 8.59 8.39
N LEU A 13 8.63 9.13 7.67
CA LEU A 13 8.59 9.12 6.21
C LEU A 13 8.63 7.69 5.67
N LEU A 14 9.48 6.86 6.27
CA LEU A 14 9.64 5.46 5.86
C LEU A 14 8.33 4.70 6.04
N SER A 15 7.64 5.02 7.13
CA SER A 15 6.37 4.39 7.45
C SER A 15 5.29 4.79 6.44
N VAL A 16 5.30 6.06 6.05
CA VAL A 16 4.30 6.56 5.11
C VAL A 16 4.42 5.89 3.74
N MET A 17 5.65 5.80 3.25
CA MET A 17 5.90 5.22 1.94
C MET A 17 5.47 3.76 1.85
N GLY A 18 5.74 2.98 2.90
CA GLY A 18 5.38 1.56 2.89
C GLY A 18 3.87 1.36 2.91
N ALA A 19 3.18 2.10 3.76
CA ALA A 19 1.74 1.96 3.88
C ALA A 19 1.04 2.17 2.54
N ILE A 20 1.44 3.22 1.84
CA ILE A 20 0.85 3.53 0.54
C ILE A 20 1.14 2.43 -0.47
N LEU A 21 2.39 1.96 -0.49
CA LEU A 21 2.81 0.92 -1.43
C LEU A 21 2.09 -0.40 -1.17
N LEU A 22 1.92 -0.76 0.08
CA LEU A 22 1.26 -2.01 0.43
C LEU A 22 -0.19 -2.03 -0.03
N ILE A 23 -0.85 -0.90 0.18
CA ILE A 23 -2.23 -0.75 -0.23
C ILE A 23 -2.36 -0.89 -1.74
N GLY A 24 -1.43 -0.27 -2.47
CA GLY A 24 -1.43 -0.33 -3.93
C GLY A 24 -1.35 -1.77 -4.42
N LEU A 25 -0.49 -2.57 -3.77
CA LEU A 25 -0.34 -3.97 -4.16
C LEU A 25 -1.65 -4.73 -3.95
N ALA A 26 -2.29 -4.47 -2.80
CA ALA A 26 -3.56 -5.13 -2.49
C ALA A 26 -4.63 -4.72 -3.50
N ALA A 27 -4.59 -3.45 -3.91
CA ALA A 27 -5.57 -2.94 -4.86
C ALA A 27 -5.44 -3.66 -6.20
N LEU A 28 -4.21 -3.79 -6.68
CA LEU A 28 -3.96 -4.44 -7.96
C LEU A 28 -4.36 -5.91 -7.95
N LEU A 29 -4.11 -6.58 -6.83
CA LEU A 29 -4.42 -8.01 -6.73
C LEU A 29 -5.91 -8.28 -6.88
N ILE A 30 -6.73 -7.46 -6.24
CA ILE A 30 -8.17 -7.62 -6.35
C ILE A 30 -8.60 -7.39 -7.79
N TRP A 31 -8.04 -6.36 -8.40
CA TRP A 31 -8.40 -6.05 -9.79
C TRP A 31 -8.18 -7.30 -10.64
N LYS A 32 -7.00 -7.88 -10.51
CA LYS A 32 -6.63 -9.07 -11.27
C LYS A 32 -7.57 -10.23 -10.94
N LEU A 33 -7.95 -10.33 -9.66
CA LEU A 33 -8.85 -11.39 -9.23
C LEU A 33 -10.17 -11.26 -9.95
N LEU A 34 -10.66 -10.04 -10.11
CA LEU A 34 -11.94 -9.85 -10.77
C LEU A 34 -11.91 -10.33 -12.22
N ILE A 35 -10.91 -9.87 -12.96
CA ILE A 35 -10.76 -10.22 -14.36
C ILE A 35 -10.41 -11.69 -14.58
N THR A 36 -9.50 -12.23 -13.77
CA THR A 36 -9.13 -13.64 -13.91
C THR A 36 -10.34 -14.54 -13.65
N ILE A 37 -11.11 -14.22 -12.62
CA ILE A 37 -12.30 -15.02 -12.30
C ILE A 37 -13.51 -14.46 -13.04
N HIS A 38 -13.27 -13.43 -13.84
CA HIS A 38 -14.34 -12.82 -14.61
C HIS A 38 -15.58 -12.58 -13.75
N ASP A 39 -15.78 -11.33 -13.33
CA ASP A 39 -16.94 -10.99 -12.52
C ASP A 39 -18.09 -10.53 -13.42
N ARG A 40 -17.85 -10.50 -14.73
CA ARG A 40 -18.87 -10.08 -15.68
C ARG A 40 -18.88 -11.01 -16.90
N LYS A 41 -20.07 -11.25 -17.44
CA LYS A 41 -20.21 -12.10 -18.61
C LYS A 41 -20.65 -11.28 -19.81
N GLU A 42 -19.91 -11.38 -20.91
CA GLU A 42 -20.24 -10.62 -22.10
C GLU A 42 -21.56 -11.11 -22.71
N PHE A 43 -21.75 -12.43 -22.69
CA PHE A 43 -22.97 -13.01 -23.25
C PHE A 43 -23.97 -13.33 -22.14
N PRO A 1 20.79 21.89 26.79
CA PRO A 1 21.39 21.58 25.48
C PRO A 1 20.48 20.61 24.72
N GLU A 2 20.92 20.19 23.55
CA GLU A 2 20.13 19.28 22.72
C GLU A 2 20.89 17.99 22.43
N SER A 3 20.17 16.86 22.52
CA SER A 3 20.78 15.56 22.24
C SER A 3 19.72 14.50 22.03
N PRO A 4 19.05 14.54 20.90
CA PRO A 4 17.99 13.54 20.56
C PRO A 4 18.56 12.13 20.48
N LYS A 5 17.74 11.14 20.84
CA LYS A 5 18.20 9.75 20.82
C LYS A 5 18.64 9.34 19.41
N GLY A 6 17.84 9.69 18.41
CA GLY A 6 18.19 9.35 17.03
C GLY A 6 17.15 9.92 16.06
N PRO A 7 17.24 9.54 14.81
CA PRO A 7 16.30 10.02 13.76
C PRO A 7 14.87 9.64 14.11
N ASP A 8 13.95 10.52 13.74
CA ASP A 8 12.54 10.28 14.02
C ASP A 8 11.70 10.61 12.79
N ILE A 9 12.16 11.63 12.07
CA ILE A 9 11.52 12.08 10.84
C ILE A 9 11.63 11.03 9.74
N LEU A 10 12.80 10.41 9.63
CA LEU A 10 13.02 9.41 8.60
C LEU A 10 12.08 8.22 8.77
N VAL A 11 11.90 7.77 10.00
CA VAL A 11 11.04 6.63 10.29
C VAL A 11 9.61 6.89 9.84
N VAL A 12 9.13 8.10 10.12
CA VAL A 12 7.77 8.46 9.72
C VAL A 12 7.63 8.37 8.20
N LEU A 13 8.59 8.97 7.50
CA LEU A 13 8.58 8.96 6.04
C LEU A 13 8.68 7.52 5.51
N LEU A 14 9.55 6.73 6.15
CA LEU A 14 9.73 5.33 5.74
C LEU A 14 8.44 4.54 5.93
N SER A 15 7.74 4.81 7.03
CA SER A 15 6.48 4.14 7.32
C SER A 15 5.39 4.56 6.35
N VAL A 16 5.40 5.85 6.01
CA VAL A 16 4.40 6.39 5.09
C VAL A 16 4.54 5.74 3.71
N MET A 17 5.77 5.63 3.24
CA MET A 17 6.04 5.06 1.92
C MET A 17 5.60 3.61 1.83
N GLY A 18 5.83 2.84 2.89
CA GLY A 18 5.45 1.44 2.89
C GLY A 18 3.93 1.26 2.90
N ALA A 19 3.25 2.04 3.74
CA ALA A 19 1.81 1.94 3.86
C ALA A 19 1.09 2.17 2.53
N ILE A 20 1.50 3.20 1.81
CA ILE A 20 0.89 3.49 0.52
C ILE A 20 1.24 2.40 -0.49
N LEU A 21 2.48 1.93 -0.47
CA LEU A 21 2.91 0.88 -1.39
C LEU A 21 2.17 -0.43 -1.14
N LEU A 22 2.01 -0.83 0.12
CA LEU A 22 1.33 -2.08 0.43
C LEU A 22 -0.13 -2.03 0.00
N ILE A 23 -0.78 -0.90 0.25
CA ILE A 23 -2.18 -0.75 -0.14
C ILE A 23 -2.32 -0.83 -1.66
N GLY A 24 -1.39 -0.18 -2.36
CA GLY A 24 -1.41 -0.20 -3.82
C GLY A 24 -1.34 -1.63 -4.34
N LEU A 25 -0.50 -2.44 -3.70
CA LEU A 25 -0.36 -3.84 -4.11
C LEU A 25 -1.67 -4.60 -3.92
N ALA A 26 -2.32 -4.39 -2.78
CA ALA A 26 -3.59 -5.05 -2.51
C ALA A 26 -4.65 -4.59 -3.50
N ALA A 27 -4.64 -3.31 -3.84
CA ALA A 27 -5.63 -2.80 -4.79
C ALA A 27 -5.47 -3.49 -6.13
N LEU A 28 -4.22 -3.63 -6.57
CA LEU A 28 -3.91 -4.25 -7.84
C LEU A 28 -4.33 -5.72 -7.88
N LEU A 29 -4.10 -6.42 -6.77
CA LEU A 29 -4.43 -7.84 -6.71
C LEU A 29 -5.92 -8.10 -6.88
N ILE A 30 -6.74 -7.28 -6.24
CA ILE A 30 -8.18 -7.41 -6.36
C ILE A 30 -8.58 -7.17 -7.81
N TRP A 31 -7.98 -6.15 -8.40
CA TRP A 31 -8.28 -5.87 -9.80
C TRP A 31 -8.03 -7.13 -10.61
N LYS A 32 -6.85 -7.72 -10.42
CA LYS A 32 -6.47 -8.93 -11.13
C LYS A 32 -7.45 -10.05 -10.80
N LEU A 33 -7.82 -10.16 -9.52
CA LEU A 33 -8.75 -11.20 -9.09
C LEU A 33 -10.10 -11.02 -9.79
N LEU A 34 -10.58 -9.79 -9.92
CA LEU A 34 -11.87 -9.57 -10.55
C LEU A 34 -11.90 -10.06 -12.01
N ILE A 35 -10.87 -9.66 -12.76
CA ILE A 35 -10.78 -10.02 -14.19
C ILE A 35 -10.43 -11.49 -14.42
N THR A 36 -9.52 -12.04 -13.63
CA THR A 36 -9.13 -13.44 -13.80
C THR A 36 -10.30 -14.38 -13.57
N ILE A 37 -11.09 -14.12 -12.53
CA ILE A 37 -12.22 -14.98 -12.22
C ILE A 37 -13.23 -15.01 -13.35
N HIS A 38 -13.58 -13.83 -13.85
CA HIS A 38 -14.55 -13.74 -14.94
C HIS A 38 -14.12 -12.67 -15.95
N ASP A 39 -14.30 -12.99 -17.23
CA ASP A 39 -13.94 -12.05 -18.29
C ASP A 39 -15.16 -11.30 -18.79
N ARG A 40 -15.18 -9.99 -18.54
CA ARG A 40 -16.30 -9.17 -18.98
C ARG A 40 -16.40 -9.19 -20.50
N LYS A 41 -15.26 -9.07 -21.18
CA LYS A 41 -15.25 -9.07 -22.63
C LYS A 41 -15.45 -10.47 -23.17
N GLU A 42 -16.07 -10.55 -24.34
CA GLU A 42 -16.32 -11.84 -24.98
C GLU A 42 -15.01 -12.49 -25.41
N PHE A 43 -14.10 -11.67 -25.95
CA PHE A 43 -12.81 -12.17 -26.40
C PHE A 43 -11.72 -11.88 -25.38
N PRO A 1 21.96 24.85 24.55
CA PRO A 1 20.53 24.56 24.76
C PRO A 1 20.08 23.45 23.82
N GLU A 2 19.95 22.24 24.36
CA GLU A 2 19.54 21.09 23.56
C GLU A 2 18.10 20.69 23.91
N SER A 3 17.32 20.42 22.86
CA SER A 3 15.92 20.02 23.06
C SER A 3 15.77 18.50 23.05
N PRO A 4 14.56 18.00 23.18
CA PRO A 4 14.30 16.53 23.18
C PRO A 4 14.61 15.91 21.82
N LYS A 5 15.03 14.65 21.82
CA LYS A 5 15.34 13.96 20.57
C LYS A 5 14.09 13.82 19.72
N GLY A 6 12.99 13.44 20.35
CA GLY A 6 11.73 13.28 19.65
C GLY A 6 11.80 12.11 18.67
N PRO A 7 10.70 11.82 18.02
CA PRO A 7 10.64 10.70 17.04
C PRO A 7 11.43 11.03 15.77
N ASP A 8 12.01 10.00 15.17
CA ASP A 8 12.82 10.17 13.98
C ASP A 8 11.94 10.58 12.80
N ILE A 9 12.44 11.55 12.03
CA ILE A 9 11.75 12.07 10.85
C ILE A 9 11.73 11.03 9.74
N LEU A 10 12.85 10.33 9.59
CA LEU A 10 12.98 9.31 8.55
C LEU A 10 12.01 8.15 8.79
N VAL A 11 11.85 7.76 10.04
CA VAL A 11 10.97 6.65 10.37
C VAL A 11 9.53 6.94 9.95
N VAL A 12 9.08 8.17 10.21
CA VAL A 12 7.72 8.54 9.84
C VAL A 12 7.54 8.49 8.33
N LEU A 13 8.48 9.09 7.61
CA LEU A 13 8.40 9.12 6.15
C LEU A 13 8.48 7.70 5.60
N LEU A 14 9.37 6.89 6.17
CA LEU A 14 9.55 5.52 5.73
C LEU A 14 8.27 4.71 5.93
N SER A 15 7.61 4.93 7.05
CA SER A 15 6.38 4.24 7.36
C SER A 15 5.29 4.66 6.38
N VAL A 16 5.28 5.94 6.04
CA VAL A 16 4.29 6.48 5.11
C VAL A 16 4.44 5.83 3.73
N MET A 17 5.66 5.76 3.23
CA MET A 17 5.93 5.20 1.90
C MET A 17 5.54 3.72 1.83
N GLY A 18 5.86 2.96 2.87
CA GLY A 18 5.55 1.54 2.88
C GLY A 18 4.05 1.28 2.90
N ALA A 19 3.33 2.03 3.73
CA ALA A 19 1.88 1.84 3.86
C ALA A 19 1.17 2.08 2.54
N ILE A 20 1.58 3.13 1.84
CA ILE A 20 0.97 3.47 0.56
C ILE A 20 1.23 2.37 -0.47
N LEU A 21 2.47 1.88 -0.51
CA LEU A 21 2.85 0.85 -1.47
C LEU A 21 2.09 -0.44 -1.21
N LEU A 22 1.95 -0.84 0.05
CA LEU A 22 1.26 -2.08 0.39
C LEU A 22 -0.20 -2.04 -0.04
N ILE A 23 -0.83 -0.89 0.18
CA ILE A 23 -2.23 -0.71 -0.20
C ILE A 23 -2.38 -0.84 -1.71
N GLY A 24 -1.46 -0.24 -2.44
CA GLY A 24 -1.49 -0.29 -3.89
C GLY A 24 -1.41 -1.72 -4.39
N LEU A 25 -0.55 -2.52 -3.76
CA LEU A 25 -0.39 -3.91 -4.16
C LEU A 25 -1.70 -4.68 -3.95
N ALA A 26 -2.34 -4.44 -2.82
CA ALA A 26 -3.61 -5.11 -2.52
C ALA A 26 -4.66 -4.67 -3.54
N ALA A 27 -4.62 -3.39 -3.91
CA ALA A 27 -5.58 -2.88 -4.87
C ALA A 27 -5.43 -3.59 -6.22
N LEU A 28 -4.19 -3.71 -6.68
CA LEU A 28 -3.92 -4.36 -7.97
C LEU A 28 -4.30 -5.84 -7.95
N LEU A 29 -4.03 -6.51 -6.84
CA LEU A 29 -4.30 -7.93 -6.72
C LEU A 29 -5.78 -8.24 -6.86
N ILE A 30 -6.61 -7.43 -6.20
CA ILE A 30 -8.05 -7.62 -6.29
C ILE A 30 -8.49 -7.40 -7.74
N TRP A 31 -7.94 -6.36 -8.34
CA TRP A 31 -8.28 -6.06 -9.72
C TRP A 31 -8.02 -7.30 -10.58
N LYS A 32 -6.81 -7.85 -10.43
CA LYS A 32 -6.44 -9.04 -11.20
C LYS A 32 -7.38 -10.19 -10.86
N LEU A 33 -7.78 -10.27 -9.60
CA LEU A 33 -8.69 -11.33 -9.17
C LEU A 33 -10.04 -11.17 -9.87
N LEU A 34 -10.52 -9.95 -10.02
CA LEU A 34 -11.83 -9.74 -10.65
C LEU A 34 -11.82 -10.24 -12.09
N ILE A 35 -10.80 -9.84 -12.83
CA ILE A 35 -10.66 -10.20 -14.24
C ILE A 35 -10.38 -11.68 -14.45
N THR A 36 -9.51 -12.27 -13.64
CA THR A 36 -9.21 -13.69 -13.78
C THR A 36 -10.48 -14.50 -13.54
N ILE A 37 -11.22 -14.16 -12.50
CA ILE A 37 -12.45 -14.89 -12.20
C ILE A 37 -13.63 -14.31 -12.97
N HIS A 38 -13.34 -13.26 -13.74
CA HIS A 38 -14.36 -12.61 -14.57
C HIS A 38 -15.54 -12.13 -13.73
N ASP A 39 -15.98 -10.90 -13.98
CA ASP A 39 -17.10 -10.33 -13.24
C ASP A 39 -18.40 -11.05 -13.58
N ARG A 40 -19.26 -11.18 -12.58
CA ARG A 40 -20.55 -11.85 -12.77
C ARG A 40 -21.42 -11.07 -13.75
N LYS A 41 -21.38 -9.75 -13.65
CA LYS A 41 -22.17 -8.90 -14.53
C LYS A 41 -21.75 -9.09 -15.99
N GLU A 42 -20.44 -9.14 -16.21
CA GLU A 42 -19.90 -9.32 -17.56
C GLU A 42 -19.55 -10.78 -17.81
N PHE A 43 -20.13 -11.35 -18.87
CA PHE A 43 -19.88 -12.74 -19.21
C PHE A 43 -18.55 -12.88 -19.93
N PRO A 1 25.86 11.68 25.73
CA PRO A 1 24.68 11.46 26.60
C PRO A 1 24.06 12.81 26.97
N GLU A 2 24.85 13.87 26.88
CA GLU A 2 24.35 15.20 27.23
C GLU A 2 23.30 15.66 26.22
N SER A 3 23.52 15.34 24.95
CA SER A 3 22.57 15.74 23.90
C SER A 3 22.52 14.70 22.78
N PRO A 4 21.85 13.60 23.02
CA PRO A 4 21.69 12.51 22.01
C PRO A 4 20.93 12.98 20.77
N LYS A 5 21.33 12.47 19.61
CA LYS A 5 20.67 12.83 18.36
C LYS A 5 20.34 11.58 17.55
N GLY A 6 19.22 11.61 16.84
CA GLY A 6 18.80 10.46 16.03
C GLY A 6 17.90 10.88 14.88
N PRO A 7 17.63 9.97 13.98
CA PRO A 7 16.76 10.24 12.80
C PRO A 7 15.37 10.70 13.23
N ASP A 8 14.56 9.74 13.72
CA ASP A 8 13.20 10.02 14.18
C ASP A 8 12.32 10.53 13.05
N ILE A 9 12.84 11.49 12.29
CA ILE A 9 12.11 12.06 11.16
C ILE A 9 11.98 11.05 10.02
N LEU A 10 13.06 10.30 9.79
CA LEU A 10 13.10 9.32 8.73
C LEU A 10 12.07 8.20 8.94
N VAL A 11 11.86 7.81 10.19
CA VAL A 11 10.93 6.73 10.51
C VAL A 11 9.51 7.05 10.04
N VAL A 12 9.08 8.28 10.28
CA VAL A 12 7.74 8.68 9.87
C VAL A 12 7.58 8.61 8.35
N LEU A 13 8.54 9.18 7.64
CA LEU A 13 8.49 9.18 6.18
C LEU A 13 8.53 7.75 5.65
N LEU A 14 9.37 6.92 6.25
CA LEU A 14 9.51 5.52 5.82
C LEU A 14 8.21 4.74 6.00
N SER A 15 7.53 5.00 7.12
CA SER A 15 6.27 4.33 7.41
C SER A 15 5.20 4.72 6.39
N VAL A 16 5.20 6.00 6.03
CA VAL A 16 4.22 6.49 5.07
C VAL A 16 4.41 5.83 3.72
N MET A 17 5.66 5.76 3.26
CA MET A 17 5.96 5.19 1.96
C MET A 17 5.58 3.71 1.88
N GLY A 18 5.85 2.97 2.94
CA GLY A 18 5.52 1.54 2.95
C GLY A 18 4.02 1.33 2.93
N ALA A 19 3.31 2.11 3.75
CA ALA A 19 1.86 1.98 3.83
C ALA A 19 1.19 2.19 2.47
N ILE A 20 1.65 3.22 1.76
CA ILE A 20 1.09 3.53 0.45
C ILE A 20 1.37 2.42 -0.57
N LEU A 21 2.60 1.92 -0.57
CA LEU A 21 2.99 0.87 -1.51
C LEU A 21 2.20 -0.42 -1.27
N LEU A 22 2.02 -0.80 -0.01
CA LEU A 22 1.31 -2.02 0.31
C LEU A 22 -0.15 -1.95 -0.12
N ILE A 23 -0.77 -0.80 0.11
CA ILE A 23 -2.17 -0.60 -0.28
C ILE A 23 -2.32 -0.69 -1.80
N GLY A 24 -1.40 -0.07 -2.51
CA GLY A 24 -1.45 -0.09 -3.97
C GLY A 24 -1.37 -1.53 -4.47
N LEU A 25 -0.52 -2.32 -3.82
CA LEU A 25 -0.36 -3.72 -4.20
C LEU A 25 -1.67 -4.49 -3.98
N ALA A 26 -2.29 -4.29 -2.82
CA ALA A 26 -3.55 -4.96 -2.51
C ALA A 26 -4.61 -4.59 -3.54
N ALA A 27 -4.59 -3.33 -3.95
CA ALA A 27 -5.56 -2.85 -4.94
C ALA A 27 -5.39 -3.59 -6.26
N LEU A 28 -4.14 -3.77 -6.68
CA LEU A 28 -3.83 -4.44 -7.93
C LEU A 28 -4.30 -5.90 -7.92
N LEU A 29 -4.12 -6.57 -6.77
CA LEU A 29 -4.50 -7.99 -6.65
C LEU A 29 -5.99 -8.24 -6.81
N ILE A 30 -6.81 -7.41 -6.19
CA ILE A 30 -8.27 -7.57 -6.31
C ILE A 30 -8.70 -7.32 -7.75
N TRP A 31 -8.14 -6.27 -8.36
CA TRP A 31 -8.49 -5.98 -9.74
C TRP A 31 -8.26 -7.23 -10.59
N LYS A 32 -7.07 -7.85 -10.44
CA LYS A 32 -6.74 -9.05 -11.20
C LYS A 32 -7.71 -10.19 -10.88
N LEU A 33 -8.12 -10.29 -9.63
CA LEU A 33 -9.05 -11.35 -9.23
C LEU A 33 -10.36 -11.19 -9.99
N LEU A 34 -10.83 -9.97 -10.14
CA LEU A 34 -12.10 -9.76 -10.83
C LEU A 34 -12.04 -10.26 -12.27
N ILE A 35 -11.05 -9.78 -13.01
CA ILE A 35 -10.88 -10.16 -14.41
C ILE A 35 -10.44 -11.62 -14.58
N THR A 36 -9.51 -12.09 -13.76
CA THR A 36 -9.06 -13.46 -13.89
C THR A 36 -10.18 -14.45 -13.60
N ILE A 37 -10.94 -14.21 -12.54
CA ILE A 37 -12.02 -15.12 -12.18
C ILE A 37 -13.10 -15.12 -13.25
N HIS A 38 -13.48 -13.93 -13.71
CA HIS A 38 -14.51 -13.80 -14.75
C HIS A 38 -14.15 -12.71 -15.74
N ASP A 39 -14.79 -12.74 -16.90
CA ASP A 39 -14.55 -11.73 -17.94
C ASP A 39 -13.07 -11.69 -18.29
N ARG A 40 -12.47 -12.87 -18.43
CA ARG A 40 -11.06 -12.97 -18.76
C ARG A 40 -10.81 -12.36 -20.14
N LYS A 41 -11.69 -12.66 -21.09
CA LYS A 41 -11.56 -12.13 -22.44
C LYS A 41 -12.23 -10.77 -22.55
N GLU A 42 -11.57 -9.83 -23.21
CA GLU A 42 -12.10 -8.48 -23.37
C GLU A 42 -12.87 -8.35 -24.69
N PHE A 43 -13.99 -7.63 -24.64
CA PHE A 43 -14.81 -7.43 -25.84
C PHE A 43 -14.65 -6.01 -26.37
N PRO A 1 23.72 7.31 14.56
CA PRO A 1 24.29 6.25 13.69
C PRO A 1 23.15 5.53 12.98
N GLU A 2 22.03 5.38 13.66
CA GLU A 2 20.88 4.69 13.07
C GLU A 2 20.46 5.38 11.78
N SER A 3 20.40 6.70 11.82
CA SER A 3 20.02 7.48 10.66
C SER A 3 20.42 8.92 10.84
N PRO A 4 21.69 9.20 10.72
CA PRO A 4 22.24 10.58 10.88
C PRO A 4 21.58 11.58 9.92
N LYS A 5 21.14 11.11 8.76
CA LYS A 5 20.51 11.96 7.78
C LYS A 5 19.24 12.61 8.33
N GLY A 6 18.44 11.85 9.06
CA GLY A 6 17.21 12.39 9.63
C GLY A 6 16.62 11.47 10.70
N PRO A 7 17.16 11.47 11.89
CA PRO A 7 16.65 10.61 13.01
C PRO A 7 15.18 10.88 13.33
N ASP A 8 14.45 9.81 13.68
CA ASP A 8 13.03 9.91 14.04
C ASP A 8 12.16 10.41 12.88
N ILE A 9 12.66 11.37 12.11
CA ILE A 9 11.91 11.90 10.99
C ILE A 9 11.93 10.90 9.83
N LEU A 10 13.05 10.21 9.68
CA LEU A 10 13.20 9.23 8.60
C LEU A 10 12.18 8.10 8.75
N VAL A 11 11.92 7.68 9.98
CA VAL A 11 11.00 6.58 10.23
C VAL A 11 9.57 6.91 9.77
N VAL A 12 9.14 8.14 10.02
CA VAL A 12 7.79 8.53 9.62
C VAL A 12 7.63 8.43 8.12
N LEU A 13 8.59 8.98 7.40
CA LEU A 13 8.55 8.93 5.95
C LEU A 13 8.61 7.49 5.44
N LEU A 14 9.45 6.68 6.08
CA LEU A 14 9.58 5.28 5.68
C LEU A 14 8.25 4.54 5.86
N SER A 15 7.59 4.83 6.97
CA SER A 15 6.29 4.23 7.29
C SER A 15 5.23 4.66 6.29
N VAL A 16 5.25 5.93 5.92
CA VAL A 16 4.26 6.46 4.99
C VAL A 16 4.44 5.81 3.63
N MET A 17 5.69 5.71 3.17
CA MET A 17 5.96 5.14 1.86
C MET A 17 5.51 3.69 1.80
N GLY A 18 5.76 2.93 2.86
CA GLY A 18 5.36 1.52 2.89
C GLY A 18 3.85 1.38 2.93
N ALA A 19 3.22 2.15 3.81
CA ALA A 19 1.77 2.09 3.95
C ALA A 19 1.06 2.31 2.63
N ILE A 20 1.45 3.38 1.93
CA ILE A 20 0.85 3.70 0.64
C ILE A 20 1.15 2.59 -0.38
N LEU A 21 2.40 2.12 -0.39
CA LEU A 21 2.81 1.07 -1.34
C LEU A 21 2.02 -0.22 -1.10
N LEU A 22 1.86 -0.60 0.16
CA LEU A 22 1.15 -1.83 0.50
C LEU A 22 -0.32 -1.77 0.06
N ILE A 23 -0.95 -0.62 0.28
CA ILE A 23 -2.34 -0.44 -0.11
C ILE A 23 -2.48 -0.58 -1.62
N GLY A 24 -1.55 0.02 -2.34
CA GLY A 24 -1.56 -0.05 -3.80
C GLY A 24 -1.46 -1.50 -4.27
N LEU A 25 -0.61 -2.28 -3.61
CA LEU A 25 -0.43 -3.69 -3.98
C LEU A 25 -1.73 -4.45 -3.77
N ALA A 26 -2.39 -4.24 -2.65
CA ALA A 26 -3.65 -4.92 -2.36
C ALA A 26 -4.68 -4.53 -3.40
N ALA A 27 -4.65 -3.27 -3.81
CA ALA A 27 -5.60 -2.80 -4.80
C ALA A 27 -5.43 -3.54 -6.11
N LEU A 28 -4.18 -3.70 -6.54
CA LEU A 28 -3.88 -4.37 -7.80
C LEU A 28 -4.32 -5.83 -7.82
N LEU A 29 -4.09 -6.55 -6.72
CA LEU A 29 -4.42 -7.97 -6.65
C LEU A 29 -5.92 -8.23 -6.80
N ILE A 30 -6.74 -7.43 -6.14
CA ILE A 30 -8.19 -7.58 -6.25
C ILE A 30 -8.60 -7.32 -7.70
N TRP A 31 -8.01 -6.28 -8.30
CA TRP A 31 -8.34 -5.98 -9.70
C TRP A 31 -8.08 -7.23 -10.55
N LYS A 32 -6.89 -7.81 -10.39
CA LYS A 32 -6.53 -9.01 -11.14
C LYS A 32 -7.53 -10.14 -10.86
N LEU A 33 -7.97 -10.22 -9.60
CA LEU A 33 -8.93 -11.26 -9.22
C LEU A 33 -10.22 -11.07 -9.98
N LEU A 34 -10.67 -9.83 -10.13
CA LEU A 34 -11.95 -9.59 -10.80
C LEU A 34 -11.91 -10.10 -12.24
N ILE A 35 -10.86 -9.75 -12.96
CA ILE A 35 -10.70 -10.13 -14.36
C ILE A 35 -10.27 -11.59 -14.54
N THR A 36 -9.36 -12.09 -13.71
CA THR A 36 -8.90 -13.47 -13.86
C THR A 36 -10.03 -14.48 -13.65
N ILE A 37 -10.83 -14.27 -12.60
CA ILE A 37 -11.92 -15.18 -12.31
C ILE A 37 -12.99 -15.16 -13.39
N HIS A 38 -13.35 -13.95 -13.82
CA HIS A 38 -14.37 -13.79 -14.85
C HIS A 38 -13.97 -12.73 -15.86
N ASP A 39 -14.14 -13.03 -17.14
CA ASP A 39 -13.78 -12.08 -18.19
C ASP A 39 -14.94 -11.15 -18.50
N ARG A 40 -14.77 -9.89 -18.16
CA ARG A 40 -15.81 -8.89 -18.39
C ARG A 40 -15.85 -8.49 -19.86
N LYS A 41 -17.05 -8.26 -20.36
CA LYS A 41 -17.23 -7.86 -21.75
C LYS A 41 -16.52 -6.53 -22.01
N GLU A 42 -16.62 -5.61 -21.06
CA GLU A 42 -15.97 -4.30 -21.21
C GLU A 42 -14.45 -4.45 -21.23
N PHE A 43 -13.94 -5.35 -20.39
CA PHE A 43 -12.49 -5.59 -20.32
C PHE A 43 -11.73 -4.27 -20.28
N PRO A 1 -2.42 19.64 21.83
CA PRO A 1 -1.42 19.88 20.76
C PRO A 1 -0.10 19.20 21.09
N GLU A 2 0.23 18.17 20.31
CA GLU A 2 1.48 17.44 20.51
C GLU A 2 2.27 17.43 19.21
N SER A 3 3.57 17.68 19.31
CA SER A 3 4.43 17.68 18.13
C SER A 3 5.91 17.70 18.52
N PRO A 4 6.33 16.73 19.30
CA PRO A 4 7.75 16.62 19.76
C PRO A 4 8.70 16.26 18.61
N LYS A 5 9.95 16.69 18.72
CA LYS A 5 10.95 16.41 17.70
C LYS A 5 11.75 15.17 18.08
N GLY A 6 11.54 14.69 19.30
CA GLY A 6 12.25 13.50 19.78
C GLY A 6 12.19 12.36 18.78
N PRO A 7 11.02 12.00 18.34
CA PRO A 7 10.84 10.87 17.36
C PRO A 7 11.57 11.13 16.04
N ASP A 8 12.07 10.05 15.44
CA ASP A 8 12.80 10.15 14.17
C ASP A 8 11.87 10.60 13.04
N ILE A 9 12.35 11.57 12.26
CA ILE A 9 11.60 12.10 11.12
C ILE A 9 11.60 11.08 9.97
N LEU A 10 12.73 10.41 9.80
CA LEU A 10 12.88 9.44 8.71
C LEU A 10 11.92 8.27 8.88
N VAL A 11 11.75 7.82 10.11
CA VAL A 11 10.86 6.70 10.40
C VAL A 11 9.44 7.01 9.94
N VAL A 12 8.98 8.24 10.19
CA VAL A 12 7.63 8.61 9.78
C VAL A 12 7.49 8.49 8.27
N LEU A 13 8.47 9.05 7.55
CA LEU A 13 8.44 9.01 6.09
C LEU A 13 8.53 7.57 5.56
N LEU A 14 9.39 6.76 6.16
CA LEU A 14 9.56 5.39 5.71
C LEU A 14 8.26 4.60 5.89
N SER A 15 7.57 4.86 6.99
CA SER A 15 6.31 4.18 7.29
C SER A 15 5.21 4.58 6.28
N VAL A 16 5.19 5.87 5.94
CA VAL A 16 4.20 6.36 5.00
C VAL A 16 4.40 5.70 3.63
N MET A 17 5.65 5.65 3.17
CA MET A 17 5.96 5.06 1.87
C MET A 17 5.56 3.59 1.79
N GLY A 18 5.84 2.84 2.85
CA GLY A 18 5.51 1.43 2.86
C GLY A 18 4.00 1.22 2.83
N ALA A 19 3.30 1.98 3.66
CA ALA A 19 1.84 1.87 3.77
C ALA A 19 1.15 2.13 2.43
N ILE A 20 1.55 3.20 1.75
CA ILE A 20 0.96 3.55 0.46
C ILE A 20 1.27 2.46 -0.57
N LEU A 21 2.52 2.00 -0.58
CA LEU A 21 2.96 0.99 -1.51
C LEU A 21 2.23 -0.33 -1.29
N LEU A 22 2.06 -0.70 -0.02
CA LEU A 22 1.40 -1.95 0.33
C LEU A 22 -0.05 -1.98 -0.14
N ILE A 23 -0.72 -0.83 0.06
CA ILE A 23 -2.11 -0.69 -0.35
C ILE A 23 -2.24 -0.83 -1.86
N GLY A 24 -1.33 -0.18 -2.58
CA GLY A 24 -1.34 -0.24 -4.03
C GLY A 24 -1.22 -1.69 -4.51
N LEU A 25 -0.35 -2.46 -3.86
CA LEU A 25 -0.17 -3.86 -4.23
C LEU A 25 -1.47 -4.63 -4.02
N ALA A 26 -2.11 -4.40 -2.88
CA ALA A 26 -3.37 -5.09 -2.59
C ALA A 26 -4.43 -4.67 -3.57
N ALA A 27 -4.42 -3.40 -3.94
CA ALA A 27 -5.40 -2.88 -4.88
C ALA A 27 -5.26 -3.59 -6.23
N LEU A 28 -4.03 -3.74 -6.69
CA LEU A 28 -3.73 -4.38 -7.97
C LEU A 28 -4.15 -5.86 -7.98
N LEU A 29 -3.91 -6.55 -6.86
CA LEU A 29 -4.20 -7.97 -6.76
C LEU A 29 -5.69 -8.28 -6.87
N ILE A 30 -6.51 -7.49 -6.20
CA ILE A 30 -7.94 -7.70 -6.26
C ILE A 30 -8.43 -7.42 -7.67
N TRP A 31 -7.85 -6.41 -8.30
CA TRP A 31 -8.26 -6.09 -9.66
C TRP A 31 -8.08 -7.34 -10.54
N LYS A 32 -6.91 -7.99 -10.43
CA LYS A 32 -6.62 -9.18 -11.22
C LYS A 32 -7.62 -10.29 -10.88
N LEU A 33 -7.97 -10.42 -9.60
CA LEU A 33 -8.93 -11.44 -9.17
C LEU A 33 -10.27 -11.22 -9.86
N LEU A 34 -10.70 -9.97 -10.00
CA LEU A 34 -11.99 -9.67 -10.61
C LEU A 34 -12.01 -10.15 -12.07
N ILE A 35 -11.01 -9.71 -12.82
CA ILE A 35 -10.90 -10.07 -14.23
C ILE A 35 -10.56 -11.54 -14.45
N THR A 36 -9.64 -12.08 -13.65
CA THR A 36 -9.27 -13.48 -13.79
C THR A 36 -10.47 -14.39 -13.50
N ILE A 37 -11.20 -14.09 -12.43
CA ILE A 37 -12.37 -14.90 -12.06
C ILE A 37 -13.61 -14.37 -12.79
N HIS A 38 -13.40 -13.31 -13.55
CA HIS A 38 -14.49 -12.70 -14.32
C HIS A 38 -15.69 -12.39 -13.42
N ASP A 39 -16.65 -11.68 -13.99
CA ASP A 39 -17.86 -11.30 -13.27
C ASP A 39 -18.70 -12.53 -12.93
N ARG A 40 -19.32 -12.51 -11.75
CA ARG A 40 -20.16 -13.63 -11.31
C ARG A 40 -21.44 -13.72 -12.14
N LYS A 41 -21.78 -14.93 -12.55
CA LYS A 41 -22.97 -15.15 -13.34
C LYS A 41 -22.91 -14.34 -14.63
N GLU A 42 -21.91 -14.64 -15.44
CA GLU A 42 -21.73 -13.94 -16.72
C GLU A 42 -22.94 -14.20 -17.62
N PHE A 43 -23.39 -15.45 -17.64
CA PHE A 43 -24.53 -15.82 -18.45
C PHE A 43 -25.83 -15.34 -17.79
N PRO A 1 -2.06 20.91 14.51
CA PRO A 1 -1.05 20.10 15.23
C PRO A 1 0.21 20.94 15.46
N GLU A 2 0.45 21.29 16.72
CA GLU A 2 1.61 22.11 17.07
C GLU A 2 2.91 21.34 16.85
N SER A 3 2.96 20.09 17.30
CA SER A 3 4.17 19.28 17.16
C SER A 3 3.95 17.84 17.63
N PRO A 4 3.41 16.99 16.79
CA PRO A 4 3.19 15.57 17.16
C PRO A 4 4.49 14.84 17.46
N LYS A 5 4.45 13.89 18.39
CA LYS A 5 5.64 13.15 18.77
C LYS A 5 6.23 12.39 17.58
N GLY A 6 7.54 12.45 17.44
CA GLY A 6 8.21 11.76 16.33
C GLY A 6 9.63 12.29 16.16
N PRO A 7 10.51 12.01 17.10
CA PRO A 7 11.93 12.47 17.04
C PRO A 7 12.58 12.09 15.72
N ASP A 8 12.32 10.87 15.28
CA ASP A 8 12.90 10.40 14.02
C ASP A 8 11.96 10.70 12.86
N ILE A 9 12.33 11.73 12.09
CA ILE A 9 11.54 12.14 10.94
C ILE A 9 11.65 11.10 9.83
N LEU A 10 12.81 10.45 9.74
CA LEU A 10 13.05 9.45 8.71
C LEU A 10 12.12 8.24 8.88
N VAL A 11 11.93 7.79 10.11
CA VAL A 11 11.09 6.65 10.39
C VAL A 11 9.65 6.92 9.98
N VAL A 12 9.17 8.13 10.28
CA VAL A 12 7.80 8.50 9.94
C VAL A 12 7.61 8.46 8.43
N LEU A 13 8.53 9.08 7.70
CA LEU A 13 8.44 9.11 6.25
C LEU A 13 8.54 7.71 5.66
N LEU A 14 9.43 6.90 6.24
CA LEU A 14 9.61 5.53 5.78
C LEU A 14 8.34 4.72 5.97
N SER A 15 7.66 4.97 7.09
CA SER A 15 6.41 4.28 7.40
C SER A 15 5.31 4.66 6.40
N VAL A 16 5.28 5.94 6.04
CA VAL A 16 4.28 6.42 5.10
C VAL A 16 4.43 5.75 3.74
N MET A 17 5.67 5.68 3.27
CA MET A 17 5.96 5.10 1.96
C MET A 17 5.55 3.63 1.88
N GLY A 18 5.84 2.87 2.92
CA GLY A 18 5.50 1.45 2.92
C GLY A 18 4.00 1.23 2.90
N ALA A 19 3.28 1.99 3.72
CA ALA A 19 1.83 1.84 3.80
C ALA A 19 1.15 2.06 2.45
N ILE A 20 1.59 3.10 1.74
CA ILE A 20 1.01 3.42 0.45
C ILE A 20 1.29 2.33 -0.57
N LEU A 21 2.53 1.85 -0.60
CA LEU A 21 2.92 0.81 -1.53
C LEU A 21 2.17 -0.50 -1.28
N LEU A 22 2.01 -0.87 -0.01
CA LEU A 22 1.32 -2.11 0.31
C LEU A 22 -0.14 -2.10 -0.12
N ILE A 23 -0.80 -0.97 0.11
CA ILE A 23 -2.21 -0.82 -0.27
C ILE A 23 -2.35 -0.91 -1.79
N GLY A 24 -1.44 -0.25 -2.49
CA GLY A 24 -1.46 -0.26 -3.94
C GLY A 24 -1.38 -1.69 -4.46
N LEU A 25 -0.51 -2.48 -3.84
CA LEU A 25 -0.36 -3.87 -4.25
C LEU A 25 -1.66 -4.63 -4.03
N ALA A 26 -2.29 -4.39 -2.88
CA ALA A 26 -3.56 -5.05 -2.58
C ALA A 26 -4.62 -4.64 -3.59
N ALA A 27 -4.60 -3.37 -3.97
CA ALA A 27 -5.56 -2.87 -4.94
C ALA A 27 -5.39 -3.59 -6.28
N LEU A 28 -4.14 -3.72 -6.71
CA LEU A 28 -3.84 -4.37 -7.97
C LEU A 28 -4.26 -5.83 -7.97
N LEU A 29 -4.04 -6.51 -6.86
CA LEU A 29 -4.37 -7.92 -6.73
C LEU A 29 -5.86 -8.20 -6.89
N ILE A 30 -6.69 -7.39 -6.24
CA ILE A 30 -8.13 -7.56 -6.35
C ILE A 30 -8.56 -7.32 -7.81
N TRP A 31 -7.99 -6.29 -8.41
CA TRP A 31 -8.33 -6.00 -9.80
C TRP A 31 -8.12 -7.25 -10.64
N LYS A 32 -6.94 -7.85 -10.48
CA LYS A 32 -6.59 -9.07 -11.21
C LYS A 32 -7.56 -10.20 -10.85
N LEU A 33 -7.92 -10.28 -9.57
CA LEU A 33 -8.82 -11.31 -9.10
C LEU A 33 -10.16 -11.19 -9.83
N LEU A 34 -10.66 -9.97 -9.98
CA LEU A 34 -11.95 -9.79 -10.62
C LEU A 34 -11.90 -10.28 -12.07
N ILE A 35 -10.89 -9.84 -12.80
CA ILE A 35 -10.72 -10.19 -14.21
C ILE A 35 -10.39 -11.68 -14.42
N THR A 36 -9.51 -12.25 -13.61
CA THR A 36 -9.18 -13.67 -13.76
C THR A 36 -10.42 -14.54 -13.56
N ILE A 37 -11.19 -14.24 -12.53
CA ILE A 37 -12.40 -15.00 -12.24
C ILE A 37 -13.60 -14.42 -12.99
N HIS A 38 -13.36 -13.34 -13.73
CA HIS A 38 -14.41 -12.70 -14.52
C HIS A 38 -15.63 -12.35 -13.69
N ASP A 39 -16.32 -11.29 -14.10
CA ASP A 39 -17.52 -10.83 -13.40
C ASP A 39 -18.62 -11.89 -13.50
N ARG A 40 -18.72 -12.52 -14.68
CA ARG A 40 -19.74 -13.55 -14.89
C ARG A 40 -19.14 -14.77 -15.59
N LYS A 41 -19.70 -15.94 -15.31
CA LYS A 41 -19.23 -17.17 -15.90
C LYS A 41 -19.47 -17.18 -17.41
N GLU A 42 -20.63 -16.66 -17.83
CA GLU A 42 -20.97 -16.60 -19.25
C GLU A 42 -21.45 -15.20 -19.61
N PHE A 43 -21.00 -14.71 -20.76
CA PHE A 43 -21.40 -13.38 -21.21
C PHE A 43 -21.29 -13.27 -22.73
N PRO A 1 27.74 3.50 20.80
CA PRO A 1 28.24 3.45 19.42
C PRO A 1 27.06 3.50 18.45
N GLU A 2 25.90 3.00 18.89
CA GLU A 2 24.70 3.00 18.05
C GLU A 2 24.25 4.44 17.80
N SER A 3 24.36 5.27 18.82
CA SER A 3 23.95 6.67 18.71
C SER A 3 22.58 6.78 18.04
N PRO A 4 21.53 6.40 18.75
CA PRO A 4 20.13 6.46 18.22
C PRO A 4 19.70 7.88 17.87
N LYS A 5 18.87 8.00 16.83
CA LYS A 5 18.38 9.31 16.41
C LYS A 5 17.23 9.77 17.28
N GLY A 6 17.12 11.09 17.45
CA GLY A 6 16.07 11.66 18.27
C GLY A 6 14.90 12.16 17.42
N PRO A 7 15.18 12.92 16.38
CA PRO A 7 14.13 13.48 15.48
C PRO A 7 13.21 12.39 14.92
N ASP A 8 13.78 11.23 14.60
CA ASP A 8 13.02 10.13 14.04
C ASP A 8 12.15 10.61 12.88
N ILE A 9 12.69 11.58 12.13
CA ILE A 9 12.02 12.13 10.95
C ILE A 9 11.95 11.10 9.84
N LEU A 10 13.05 10.38 9.67
CA LEU A 10 13.17 9.36 8.63
C LEU A 10 12.19 8.21 8.84
N VAL A 11 12.01 7.77 10.09
CA VAL A 11 11.11 6.65 10.39
C VAL A 11 9.67 6.98 10.01
N VAL A 12 9.24 8.20 10.31
CA VAL A 12 7.88 8.62 9.98
C VAL A 12 7.69 8.55 8.46
N LEU A 13 8.65 9.11 7.75
CA LEU A 13 8.57 9.13 6.28
C LEU A 13 8.60 7.71 5.73
N LEU A 14 9.44 6.86 6.30
CA LEU A 14 9.56 5.48 5.84
C LEU A 14 8.25 4.72 6.01
N SER A 15 7.56 4.97 7.13
CA SER A 15 6.30 4.32 7.43
C SER A 15 5.23 4.71 6.42
N VAL A 16 5.23 5.99 6.06
CA VAL A 16 4.25 6.50 5.10
C VAL A 16 4.42 5.84 3.74
N MET A 17 5.68 5.74 3.28
CA MET A 17 5.96 5.16 1.98
C MET A 17 5.52 3.70 1.88
N GLY A 18 5.77 2.94 2.94
CA GLY A 18 5.38 1.53 2.95
C GLY A 18 3.87 1.37 2.93
N ALA A 19 3.18 2.14 3.76
CA ALA A 19 1.72 2.06 3.87
C ALA A 19 1.03 2.28 2.54
N ILE A 20 1.39 3.36 1.86
CA ILE A 20 0.78 3.68 0.57
C ILE A 20 1.09 2.60 -0.46
N LEU A 21 2.34 2.15 -0.49
CA LEU A 21 2.77 1.12 -1.43
C LEU A 21 2.05 -0.21 -1.18
N LEU A 22 1.87 -0.59 0.08
CA LEU A 22 1.23 -1.86 0.40
C LEU A 22 -0.21 -1.96 -0.07
N ILE A 23 -0.98 -0.89 0.12
CA ILE A 23 -2.37 -0.90 -0.30
C ILE A 23 -2.47 -0.94 -1.82
N GLY A 24 -1.51 -0.30 -2.49
CA GLY A 24 -1.50 -0.30 -3.95
C GLY A 24 -1.41 -1.73 -4.46
N LEU A 25 -0.58 -2.51 -3.79
CA LEU A 25 -0.40 -3.91 -4.16
C LEU A 25 -1.71 -4.66 -3.98
N ALA A 26 -2.36 -4.44 -2.83
CA ALA A 26 -3.61 -5.10 -2.55
C ALA A 26 -4.67 -4.68 -3.57
N ALA A 27 -4.63 -3.41 -3.96
CA ALA A 27 -5.58 -2.91 -4.95
C ALA A 27 -5.37 -3.61 -6.30
N LEU A 28 -4.12 -3.73 -6.72
CA LEU A 28 -3.80 -4.36 -7.99
C LEU A 28 -4.23 -5.82 -7.99
N LEU A 29 -4.00 -6.51 -6.88
CA LEU A 29 -4.33 -7.92 -6.77
C LEU A 29 -5.83 -8.19 -6.92
N ILE A 30 -6.65 -7.37 -6.28
CA ILE A 30 -8.10 -7.54 -6.38
C ILE A 30 -8.51 -7.33 -7.84
N TRP A 31 -7.90 -6.33 -8.45
CA TRP A 31 -8.23 -6.06 -9.85
C TRP A 31 -7.99 -7.33 -10.68
N LYS A 32 -6.82 -7.94 -10.49
CA LYS A 32 -6.46 -9.16 -11.22
C LYS A 32 -7.45 -10.31 -10.91
N LEU A 33 -7.81 -10.46 -9.63
CA LEU A 33 -8.74 -11.53 -9.24
C LEU A 33 -10.09 -11.30 -9.91
N LEU A 34 -10.56 -10.07 -10.02
CA LEU A 34 -11.87 -9.83 -10.63
C LEU A 34 -11.90 -10.31 -12.09
N ILE A 35 -10.87 -9.92 -12.86
CA ILE A 35 -10.77 -10.28 -14.28
C ILE A 35 -10.48 -11.76 -14.54
N THR A 36 -9.58 -12.35 -13.77
CA THR A 36 -9.26 -13.76 -13.97
C THR A 36 -10.48 -14.64 -13.76
N ILE A 37 -11.22 -14.37 -12.69
CA ILE A 37 -12.41 -15.15 -12.38
C ILE A 37 -13.64 -14.54 -13.05
N HIS A 38 -13.44 -13.45 -13.78
CA HIS A 38 -14.54 -12.77 -14.47
C HIS A 38 -15.78 -12.75 -13.57
N ASP A 39 -15.92 -11.70 -12.76
CA ASP A 39 -17.07 -11.59 -11.87
C ASP A 39 -18.38 -11.41 -12.64
N ARG A 40 -18.33 -10.62 -13.72
CA ARG A 40 -19.54 -10.36 -14.51
C ARG A 40 -20.12 -11.65 -15.09
N LYS A 41 -19.24 -12.56 -15.47
CA LYS A 41 -19.69 -13.84 -16.04
C LYS A 41 -20.66 -13.63 -17.19
N GLU A 42 -21.94 -13.54 -16.86
CA GLU A 42 -22.97 -13.35 -17.89
C GLU A 42 -23.83 -12.13 -17.54
N PHE A 43 -24.09 -11.29 -18.54
CA PHE A 43 -24.90 -10.09 -18.35
C PHE A 43 -24.33 -9.25 -17.21
N PRO A 1 1.69 9.80 24.10
CA PRO A 1 2.58 10.08 25.25
C PRO A 1 3.81 9.16 25.17
N GLU A 2 3.67 8.05 24.46
CA GLU A 2 4.76 7.10 24.32
C GLU A 2 5.92 7.71 23.52
N SER A 3 5.58 8.43 22.45
CA SER A 3 6.59 9.07 21.61
C SER A 3 5.96 9.91 20.51
N PRO A 4 5.08 10.81 20.88
CA PRO A 4 4.37 11.70 19.91
C PRO A 4 5.32 12.71 19.26
N LYS A 5 6.43 12.99 19.94
CA LYS A 5 7.41 13.93 19.42
C LYS A 5 8.02 13.40 18.12
N GLY A 6 8.29 12.11 18.08
CA GLY A 6 8.89 11.50 16.88
C GLY A 6 10.26 12.10 16.60
N PRO A 7 11.21 11.81 17.43
CA PRO A 7 12.60 12.34 17.28
C PRO A 7 13.19 12.01 15.91
N ASP A 8 12.88 10.80 15.44
CA ASP A 8 13.39 10.35 14.15
C ASP A 8 12.47 10.76 13.01
N ILE A 9 12.95 11.67 12.18
CA ILE A 9 12.16 12.14 11.04
C ILE A 9 12.13 11.08 9.92
N LEU A 10 13.21 10.29 9.83
CA LEU A 10 13.33 9.27 8.78
C LEU A 10 12.28 8.17 8.91
N VAL A 11 12.04 7.71 10.13
CA VAL A 11 11.09 6.63 10.34
C VAL A 11 9.67 7.03 9.93
N VAL A 12 9.31 8.29 10.19
CA VAL A 12 7.98 8.76 9.81
C VAL A 12 7.81 8.66 8.30
N LEU A 13 8.81 9.18 7.58
CA LEU A 13 8.76 9.16 6.12
C LEU A 13 8.76 7.72 5.59
N LEU A 14 9.57 6.87 6.21
CA LEU A 14 9.67 5.48 5.81
C LEU A 14 8.34 4.75 6.00
N SER A 15 7.64 5.05 7.09
CA SER A 15 6.35 4.42 7.40
C SER A 15 5.27 4.79 6.38
N VAL A 16 5.19 6.06 6.01
CA VAL A 16 4.16 6.47 5.06
C VAL A 16 4.37 5.80 3.71
N MET A 17 5.64 5.72 3.28
CA MET A 17 5.94 5.12 1.98
C MET A 17 5.53 3.65 1.92
N GLY A 18 5.77 2.91 2.99
CA GLY A 18 5.42 1.50 3.01
C GLY A 18 3.90 1.31 2.99
N ALA A 19 3.20 2.10 3.80
CA ALA A 19 1.75 2.00 3.91
C ALA A 19 1.06 2.18 2.57
N ILE A 20 1.44 3.23 1.85
CA ILE A 20 0.82 3.49 0.55
C ILE A 20 1.15 2.40 -0.46
N LEU A 21 2.38 1.91 -0.44
CA LEU A 21 2.79 0.86 -1.38
C LEU A 21 2.02 -0.44 -1.15
N LEU A 22 1.84 -0.83 0.11
CA LEU A 22 1.14 -2.07 0.45
C LEU A 22 -0.34 -2.05 0.04
N ILE A 23 -1.02 -0.92 0.28
CA ILE A 23 -2.44 -0.82 -0.07
C ILE A 23 -2.60 -0.90 -1.59
N GLY A 24 -1.66 -0.29 -2.29
CA GLY A 24 -1.69 -0.30 -3.75
C GLY A 24 -1.64 -1.74 -4.27
N LEU A 25 -0.80 -2.56 -3.63
CA LEU A 25 -0.66 -3.95 -4.05
C LEU A 25 -1.99 -4.68 -3.89
N ALA A 26 -2.65 -4.44 -2.77
CA ALA A 26 -3.93 -5.07 -2.51
C ALA A 26 -4.96 -4.66 -3.56
N ALA A 27 -4.89 -3.40 -3.97
CA ALA A 27 -5.81 -2.89 -4.97
C ALA A 27 -5.63 -3.60 -6.32
N LEU A 28 -4.37 -3.69 -6.78
CA LEU A 28 -4.09 -4.33 -8.07
C LEU A 28 -4.47 -5.80 -8.06
N LEU A 29 -4.21 -6.48 -6.95
CA LEU A 29 -4.52 -7.90 -6.85
C LEU A 29 -6.02 -8.16 -6.99
N ILE A 30 -6.82 -7.34 -6.34
CA ILE A 30 -8.27 -7.48 -6.43
C ILE A 30 -8.69 -7.25 -7.88
N TRP A 31 -8.11 -6.22 -8.47
CA TRP A 31 -8.44 -5.92 -9.86
C TRP A 31 -8.18 -7.18 -10.71
N LYS A 32 -6.99 -7.76 -10.54
CA LYS A 32 -6.63 -8.97 -11.28
C LYS A 32 -7.60 -10.11 -10.94
N LEU A 33 -7.99 -10.18 -9.67
CA LEU A 33 -8.92 -11.22 -9.23
C LEU A 33 -10.25 -11.04 -9.98
N LEU A 34 -10.69 -9.80 -10.15
CA LEU A 34 -11.96 -9.55 -10.81
C LEU A 34 -11.95 -10.07 -12.25
N ILE A 35 -10.87 -9.78 -12.96
CA ILE A 35 -10.77 -10.20 -14.36
C ILE A 35 -10.27 -11.63 -14.53
N THR A 36 -9.34 -12.07 -13.69
CA THR A 36 -8.84 -13.43 -13.80
C THR A 36 -9.94 -14.46 -13.55
N ILE A 37 -10.75 -14.22 -12.52
CA ILE A 37 -11.82 -15.15 -12.21
C ILE A 37 -12.87 -15.17 -13.32
N HIS A 38 -13.19 -13.99 -13.82
CA HIS A 38 -14.16 -13.85 -14.90
C HIS A 38 -13.93 -14.89 -15.99
N ASP A 39 -14.82 -15.87 -16.07
CA ASP A 39 -14.70 -16.92 -17.08
C ASP A 39 -15.00 -16.36 -18.48
N ARG A 40 -14.24 -16.79 -19.48
CA ARG A 40 -14.46 -16.33 -20.84
C ARG A 40 -14.43 -17.51 -21.82
N LYS A 41 -15.35 -17.50 -22.78
CA LYS A 41 -15.41 -18.59 -23.76
C LYS A 41 -14.21 -18.51 -24.69
N GLU A 42 -13.62 -19.66 -25.01
CA GLU A 42 -12.46 -19.71 -25.88
C GLU A 42 -12.82 -20.41 -27.19
N PHE A 43 -13.45 -21.57 -27.08
CA PHE A 43 -13.86 -22.32 -28.27
C PHE A 43 -14.89 -23.38 -27.91
N PRO A 1 11.46 16.31 24.88
CA PRO A 1 12.40 17.40 25.24
C PRO A 1 13.21 17.00 26.47
N GLU A 2 12.57 16.32 27.40
CA GLU A 2 13.27 15.89 28.61
C GLU A 2 14.37 14.89 28.26
N SER A 3 14.08 13.98 27.34
CA SER A 3 15.06 12.98 26.91
C SER A 3 14.55 12.21 25.70
N PRO A 4 14.12 12.89 24.68
CA PRO A 4 13.61 12.25 23.43
C PRO A 4 14.71 11.51 22.68
N LYS A 5 14.34 10.41 22.01
CA LYS A 5 15.31 9.62 21.26
C LYS A 5 15.93 10.45 20.14
N GLY A 6 15.10 11.22 19.44
CA GLY A 6 15.61 12.05 18.35
C GLY A 6 14.47 12.49 17.42
N PRO A 7 14.80 13.19 16.37
CA PRO A 7 13.81 13.69 15.36
C PRO A 7 12.89 12.58 14.83
N ASP A 8 13.47 11.41 14.57
CA ASP A 8 12.71 10.27 14.06
C ASP A 8 11.83 10.68 12.88
N ILE A 9 12.33 11.66 12.11
CA ILE A 9 11.63 12.15 10.92
C ILE A 9 11.64 11.11 9.80
N LEU A 10 12.79 10.46 9.66
CA LEU A 10 12.98 9.45 8.62
C LEU A 10 12.02 8.27 8.82
N VAL A 11 11.84 7.83 10.06
CA VAL A 11 10.97 6.70 10.35
C VAL A 11 9.55 6.97 9.90
N VAL A 12 9.07 8.18 10.15
CA VAL A 12 7.71 8.53 9.73
C VAL A 12 7.60 8.42 8.22
N LEU A 13 8.58 9.00 7.52
CA LEU A 13 8.59 8.97 6.06
C LEU A 13 8.67 7.53 5.55
N LEU A 14 9.52 6.73 6.18
CA LEU A 14 9.69 5.34 5.78
C LEU A 14 8.40 4.54 5.96
N SER A 15 7.68 4.83 7.05
CA SER A 15 6.41 4.15 7.34
C SER A 15 5.35 4.56 6.34
N VAL A 16 5.37 5.83 5.97
CA VAL A 16 4.39 6.36 5.04
C VAL A 16 4.52 5.70 3.66
N MET A 17 5.77 5.59 3.19
CA MET A 17 6.04 5.01 1.88
C MET A 17 5.60 3.56 1.81
N GLY A 18 5.84 2.80 2.87
CA GLY A 18 5.44 1.40 2.89
C GLY A 18 3.93 1.24 2.91
N ALA A 19 3.27 2.01 3.78
CA ALA A 19 1.82 1.93 3.91
C ALA A 19 1.09 2.21 2.61
N ILE A 20 1.47 3.30 1.93
CA ILE A 20 0.81 3.64 0.68
C ILE A 20 1.12 2.60 -0.38
N LEU A 21 2.37 2.14 -0.43
CA LEU A 21 2.78 1.13 -1.40
C LEU A 21 2.10 -0.22 -1.16
N LEU A 22 1.97 -0.61 0.10
CA LEU A 22 1.37 -1.90 0.44
C LEU A 22 -0.10 -2.00 0.00
N ILE A 23 -0.86 -0.93 0.23
CA ILE A 23 -2.27 -0.91 -0.17
C ILE A 23 -2.41 -0.93 -1.68
N GLY A 24 -1.48 -0.24 -2.36
CA GLY A 24 -1.51 -0.20 -3.82
C GLY A 24 -1.40 -1.62 -4.38
N LEU A 25 -0.52 -2.41 -3.77
CA LEU A 25 -0.31 -3.79 -4.19
C LEU A 25 -1.60 -4.59 -3.99
N ALA A 26 -2.24 -4.39 -2.84
CA ALA A 26 -3.50 -5.10 -2.57
C ALA A 26 -4.56 -4.67 -3.58
N ALA A 27 -4.57 -3.39 -3.93
CA ALA A 27 -5.55 -2.89 -4.89
C ALA A 27 -5.39 -3.60 -6.23
N LEU A 28 -4.14 -3.71 -6.69
CA LEU A 28 -3.86 -4.33 -7.98
C LEU A 28 -4.25 -5.81 -8.00
N LEU A 29 -3.97 -6.51 -6.92
CA LEU A 29 -4.25 -7.94 -6.84
C LEU A 29 -5.75 -8.25 -6.96
N ILE A 30 -6.57 -7.46 -6.28
CA ILE A 30 -8.00 -7.64 -6.35
C ILE A 30 -8.46 -7.38 -7.78
N TRP A 31 -7.90 -6.33 -8.38
CA TRP A 31 -8.27 -6.02 -9.76
C TRP A 31 -8.05 -7.27 -10.62
N LYS A 32 -6.85 -7.87 -10.49
CA LYS A 32 -6.50 -9.09 -11.23
C LYS A 32 -7.47 -10.22 -10.89
N LEU A 33 -7.82 -10.30 -9.60
CA LEU A 33 -8.75 -11.34 -9.15
C LEU A 33 -10.07 -11.19 -9.89
N LEU A 34 -10.56 -9.96 -10.05
CA LEU A 34 -11.85 -9.76 -10.71
C LEU A 34 -11.83 -10.27 -12.15
N ILE A 35 -10.82 -9.87 -12.89
CA ILE A 35 -10.69 -10.26 -14.28
C ILE A 35 -10.42 -11.75 -14.47
N THR A 36 -9.56 -12.34 -13.66
CA THR A 36 -9.26 -13.76 -13.79
C THR A 36 -10.52 -14.60 -13.57
N ILE A 37 -11.29 -14.26 -12.54
CA ILE A 37 -12.51 -15.00 -12.25
C ILE A 37 -13.71 -14.35 -12.94
N HIS A 38 -13.44 -13.29 -13.70
CA HIS A 38 -14.47 -12.57 -14.42
C HIS A 38 -15.10 -11.52 -13.50
N ASP A 39 -15.24 -10.31 -14.02
CA ASP A 39 -15.82 -9.23 -13.24
C ASP A 39 -17.32 -9.14 -13.46
N ARG A 40 -18.07 -9.44 -12.40
CA ARG A 40 -19.51 -9.39 -12.48
C ARG A 40 -19.99 -7.94 -12.53
N LYS A 41 -21.01 -7.70 -13.35
CA LYS A 41 -21.56 -6.35 -13.48
C LYS A 41 -22.94 -6.26 -12.84
N GLU A 42 -23.29 -5.06 -12.37
CA GLU A 42 -24.58 -4.85 -11.73
C GLU A 42 -25.20 -3.53 -12.20
N PHE A 43 -24.90 -3.17 -13.45
CA PHE A 43 -25.43 -1.93 -14.02
C PHE A 43 -26.93 -1.83 -13.76
N PRO A 1 10.05 17.54 2.31
CA PRO A 1 11.13 17.66 3.33
C PRO A 1 10.51 18.06 4.67
N GLU A 2 9.24 18.45 4.65
CA GLU A 2 8.55 18.85 5.87
C GLU A 2 7.65 17.73 6.37
N SER A 3 7.70 17.48 7.67
CA SER A 3 6.91 16.43 8.27
C SER A 3 6.67 16.72 9.76
N PRO A 4 5.95 15.88 10.46
CA PRO A 4 5.69 16.08 11.92
C PRO A 4 6.97 16.07 12.73
N LYS A 5 6.99 16.82 13.83
CA LYS A 5 8.18 16.87 14.69
C LYS A 5 8.32 15.57 15.47
N GLY A 6 9.55 15.06 15.54
CA GLY A 6 9.83 13.82 16.24
C GLY A 6 11.32 13.50 16.20
N PRO A 7 11.75 12.57 17.00
CA PRO A 7 13.19 12.17 17.07
C PRO A 7 13.65 11.45 15.81
N ASP A 8 12.69 10.95 15.05
CA ASP A 8 13.00 10.23 13.82
C ASP A 8 12.07 10.66 12.71
N ILE A 9 12.50 11.63 11.90
CA ILE A 9 11.67 12.07 10.80
C ILE A 9 11.69 11.02 9.68
N LEU A 10 12.78 10.26 9.62
CA LEU A 10 12.95 9.23 8.59
C LEU A 10 11.92 8.11 8.76
N VAL A 11 11.68 7.70 9.99
CA VAL A 11 10.74 6.62 10.27
C VAL A 11 9.33 6.96 9.80
N VAL A 12 8.91 8.20 10.03
CA VAL A 12 7.58 8.60 9.60
C VAL A 12 7.44 8.47 8.09
N LEU A 13 8.41 9.03 7.38
CA LEU A 13 8.40 8.97 5.93
C LEU A 13 8.51 7.53 5.45
N LEU A 14 9.37 6.76 6.09
CA LEU A 14 9.57 5.35 5.72
C LEU A 14 8.26 4.57 5.92
N SER A 15 7.56 4.84 7.02
CA SER A 15 6.31 4.18 7.32
C SER A 15 5.21 4.58 6.35
N VAL A 16 5.18 5.87 6.02
CA VAL A 16 4.17 6.39 5.10
C VAL A 16 4.34 5.73 3.73
N MET A 17 5.58 5.66 3.27
CA MET A 17 5.87 5.09 1.97
C MET A 17 5.49 3.63 1.89
N GLY A 18 5.79 2.87 2.94
CA GLY A 18 5.47 1.46 2.96
C GLY A 18 3.96 1.25 3.01
N ALA A 19 3.28 2.00 3.88
CA ALA A 19 1.84 1.86 4.02
C ALA A 19 1.12 2.14 2.71
N ILE A 20 1.54 3.20 2.04
CA ILE A 20 0.95 3.56 0.76
C ILE A 20 1.24 2.49 -0.29
N LEU A 21 2.48 2.03 -0.31
CA LEU A 21 2.91 1.01 -1.26
C LEU A 21 2.19 -0.31 -1.02
N LEU A 22 2.03 -0.69 0.24
CA LEU A 22 1.37 -1.95 0.57
C LEU A 22 -0.08 -1.97 0.10
N ILE A 23 -0.77 -0.84 0.29
CA ILE A 23 -2.16 -0.73 -0.13
C ILE A 23 -2.27 -0.86 -1.63
N GLY A 24 -1.35 -0.21 -2.33
CA GLY A 24 -1.35 -0.23 -3.79
C GLY A 24 -1.30 -1.67 -4.31
N LEU A 25 -0.46 -2.49 -3.69
CA LEU A 25 -0.34 -3.89 -4.12
C LEU A 25 -1.65 -4.65 -3.94
N ALA A 26 -2.29 -4.43 -2.81
CA ALA A 26 -3.57 -5.09 -2.54
C ALA A 26 -4.62 -4.66 -3.56
N ALA A 27 -4.55 -3.40 -3.94
CA ALA A 27 -5.50 -2.87 -4.92
C ALA A 27 -5.35 -3.57 -6.28
N LEU A 28 -4.10 -3.67 -6.75
CA LEU A 28 -3.83 -4.30 -8.04
C LEU A 28 -4.18 -5.78 -8.04
N LEU A 29 -3.90 -6.46 -6.93
CA LEU A 29 -4.18 -7.89 -6.83
C LEU A 29 -5.67 -8.20 -6.97
N ILE A 30 -6.49 -7.39 -6.32
CA ILE A 30 -7.94 -7.57 -6.41
C ILE A 30 -8.38 -7.35 -7.84
N TRP A 31 -7.82 -6.33 -8.46
CA TRP A 31 -8.19 -6.06 -9.86
C TRP A 31 -7.97 -7.32 -10.68
N LYS A 32 -6.81 -7.94 -10.50
CA LYS A 32 -6.48 -9.17 -11.23
C LYS A 32 -7.47 -10.28 -10.89
N LEU A 33 -7.81 -10.39 -9.62
CA LEU A 33 -8.75 -11.42 -9.18
C LEU A 33 -10.11 -11.23 -9.85
N LEU A 34 -10.58 -9.99 -9.96
CA LEU A 34 -11.89 -9.74 -10.56
C LEU A 34 -11.94 -10.22 -12.01
N ILE A 35 -10.95 -9.80 -12.78
CA ILE A 35 -10.90 -10.16 -14.20
C ILE A 35 -10.50 -11.62 -14.41
N THR A 36 -9.58 -12.13 -13.60
CA THR A 36 -9.15 -13.51 -13.73
C THR A 36 -10.36 -14.43 -13.56
N ILE A 37 -11.18 -14.12 -12.56
CA ILE A 37 -12.36 -14.93 -12.28
C ILE A 37 -13.58 -14.32 -12.98
N HIS A 38 -13.34 -13.27 -13.76
CA HIS A 38 -14.41 -12.61 -14.47
C HIS A 38 -15.63 -12.48 -13.56
N ASP A 39 -15.57 -11.50 -12.66
CA ASP A 39 -16.66 -11.27 -11.73
C ASP A 39 -17.86 -10.67 -12.47
N ARG A 40 -19.05 -11.19 -12.18
CA ARG A 40 -20.27 -10.70 -12.83
C ARG A 40 -21.29 -10.22 -11.81
N LYS A 41 -22.02 -9.18 -12.17
CA LYS A 41 -23.02 -8.61 -11.30
C LYS A 41 -22.45 -8.43 -9.90
N GLU A 42 -23.28 -7.94 -8.99
CA GLU A 42 -22.86 -7.73 -7.61
C GLU A 42 -23.64 -8.61 -6.66
N PHE A 43 -23.08 -8.84 -5.47
CA PHE A 43 -23.75 -9.68 -4.48
C PHE A 43 -24.26 -10.97 -5.13
N PRO A 1 18.40 16.88 19.83
CA PRO A 1 17.21 17.47 19.17
C PRO A 1 17.63 18.16 17.86
N GLU A 2 18.55 19.09 17.98
CA GLU A 2 19.02 19.84 16.82
C GLU A 2 19.82 18.93 15.90
N SER A 3 20.62 18.05 16.50
CA SER A 3 21.43 17.14 15.72
C SER A 3 21.52 15.77 16.40
N PRO A 4 20.46 15.00 16.32
CA PRO A 4 20.41 13.66 16.94
C PRO A 4 21.16 12.62 16.10
N LYS A 5 21.76 11.64 16.76
CA LYS A 5 22.51 10.60 16.05
C LYS A 5 21.57 9.80 15.14
N GLY A 6 20.39 9.47 15.65
CA GLY A 6 19.42 8.72 14.88
C GLY A 6 18.08 9.45 14.83
N PRO A 7 17.92 10.38 13.91
CA PRO A 7 16.65 11.15 13.79
C PRO A 7 15.45 10.23 13.58
N ASP A 8 14.33 10.59 14.19
CA ASP A 8 13.12 9.79 14.07
C ASP A 8 12.23 10.29 12.93
N ILE A 9 12.74 11.29 12.22
CA ILE A 9 12.05 11.86 11.08
C ILE A 9 11.98 10.84 9.95
N LEU A 10 13.07 10.13 9.77
CA LEU A 10 13.18 9.12 8.72
C LEU A 10 12.13 8.02 8.88
N VAL A 11 11.88 7.62 10.13
CA VAL A 11 10.91 6.57 10.39
C VAL A 11 9.52 6.96 9.93
N VAL A 12 9.13 8.21 10.20
CA VAL A 12 7.81 8.68 9.79
C VAL A 12 7.66 8.62 8.27
N LEU A 13 8.66 9.13 7.57
CA LEU A 13 8.63 9.13 6.10
C LEU A 13 8.60 7.71 5.55
N LEU A 14 9.39 6.83 6.15
CA LEU A 14 9.46 5.43 5.70
C LEU A 14 8.13 4.69 5.90
N SER A 15 7.43 4.98 7.00
CA SER A 15 6.15 4.34 7.29
C SER A 15 5.07 4.74 6.29
N VAL A 16 4.99 6.02 5.95
CA VAL A 16 3.96 6.47 5.02
C VAL A 16 4.18 5.83 3.65
N MET A 17 5.44 5.77 3.21
CA MET A 17 5.75 5.21 1.90
C MET A 17 5.36 3.74 1.84
N GLY A 18 5.64 2.98 2.91
CA GLY A 18 5.29 1.58 2.95
C GLY A 18 3.78 1.39 2.93
N ALA A 19 3.09 2.17 3.76
CA ALA A 19 1.64 2.08 3.86
C ALA A 19 0.98 2.28 2.50
N ILE A 20 1.39 3.34 1.81
CA ILE A 20 0.85 3.64 0.49
C ILE A 20 1.20 2.53 -0.50
N LEU A 21 2.44 2.07 -0.44
CA LEU A 21 2.89 1.01 -1.35
C LEU A 21 2.13 -0.29 -1.12
N LEU A 22 1.94 -0.68 0.14
CA LEU A 22 1.24 -1.92 0.44
C LEU A 22 -0.20 -1.91 -0.05
N ILE A 23 -0.85 -0.77 0.13
CA ILE A 23 -2.23 -0.62 -0.31
C ILE A 23 -2.32 -0.77 -1.83
N GLY A 24 -1.36 -0.14 -2.52
CA GLY A 24 -1.33 -0.20 -3.97
C GLY A 24 -1.25 -1.63 -4.47
N LEU A 25 -0.42 -2.44 -3.83
CA LEU A 25 -0.29 -3.84 -4.23
C LEU A 25 -1.61 -4.59 -4.04
N ALA A 26 -2.26 -4.36 -2.91
CA ALA A 26 -3.53 -5.03 -2.64
C ALA A 26 -4.58 -4.59 -3.66
N ALA A 27 -4.58 -3.30 -4.00
CA ALA A 27 -5.55 -2.80 -4.96
C ALA A 27 -5.36 -3.50 -6.30
N LEU A 28 -4.11 -3.65 -6.74
CA LEU A 28 -3.82 -4.30 -8.01
C LEU A 28 -4.25 -5.76 -8.01
N LEU A 29 -4.00 -6.46 -6.91
CA LEU A 29 -4.33 -7.89 -6.82
C LEU A 29 -5.82 -8.16 -6.94
N ILE A 30 -6.62 -7.35 -6.27
CA ILE A 30 -8.07 -7.50 -6.34
C ILE A 30 -8.53 -7.25 -7.77
N TRP A 31 -7.97 -6.21 -8.37
CA TRP A 31 -8.32 -5.92 -9.75
C TRP A 31 -8.08 -7.17 -10.60
N LYS A 32 -6.90 -7.76 -10.43
CA LYS A 32 -6.55 -8.97 -11.17
C LYS A 32 -7.52 -10.09 -10.83
N LEU A 33 -7.88 -10.20 -9.55
CA LEU A 33 -8.81 -11.24 -9.12
C LEU A 33 -10.14 -11.07 -9.85
N LEU A 34 -10.61 -9.84 -9.99
CA LEU A 34 -11.89 -9.63 -10.66
C LEU A 34 -11.86 -10.11 -12.10
N ILE A 35 -10.84 -9.71 -12.83
CA ILE A 35 -10.72 -10.07 -14.23
C ILE A 35 -10.38 -11.55 -14.45
N THR A 36 -9.47 -12.10 -13.65
CA THR A 36 -9.08 -13.50 -13.82
C THR A 36 -10.21 -14.46 -13.46
N ILE A 37 -10.96 -14.19 -12.39
CA ILE A 37 -12.03 -15.10 -12.00
C ILE A 37 -13.13 -15.13 -13.06
N HIS A 38 -13.56 -13.94 -13.52
CA HIS A 38 -14.62 -13.86 -14.52
C HIS A 38 -14.41 -14.89 -15.63
N ASP A 39 -15.47 -15.65 -15.92
CA ASP A 39 -15.40 -16.66 -16.98
C ASP A 39 -15.18 -16.01 -18.34
N ARG A 40 -15.85 -14.90 -18.56
CA ARG A 40 -15.71 -14.19 -19.83
C ARG A 40 -14.58 -13.20 -19.74
N LYS A 41 -13.79 -13.12 -20.81
CA LYS A 41 -12.66 -12.22 -20.85
C LYS A 41 -13.13 -10.77 -20.74
N GLU A 42 -14.20 -10.46 -21.46
CA GLU A 42 -14.74 -9.10 -21.44
C GLU A 42 -13.62 -8.09 -21.67
N PHE A 43 -12.54 -8.56 -22.30
CA PHE A 43 -11.40 -7.70 -22.59
C PHE A 43 -11.01 -6.91 -21.35
N PRO A 1 2.01 18.11 23.50
CA PRO A 1 3.48 18.27 23.40
C PRO A 1 4.10 16.96 22.94
N GLU A 2 3.66 15.86 23.55
CA GLU A 2 4.15 14.53 23.21
C GLU A 2 2.98 13.59 23.04
N SER A 3 3.04 12.74 22.02
CA SER A 3 1.96 11.79 21.77
C SER A 3 2.24 10.92 20.55
N PRO A 4 2.69 11.52 19.47
CA PRO A 4 2.99 10.77 18.21
C PRO A 4 4.11 9.76 18.42
N LYS A 5 4.08 8.69 17.65
CA LYS A 5 5.10 7.65 17.78
C LYS A 5 6.16 7.81 16.70
N GLY A 6 7.40 7.53 17.07
CA GLY A 6 8.51 7.64 16.14
C GLY A 6 9.11 9.05 16.13
N PRO A 7 9.90 9.38 17.13
CA PRO A 7 10.55 10.72 17.25
C PRO A 7 11.35 11.07 15.98
N ASP A 8 12.02 10.07 15.41
CA ASP A 8 12.80 10.29 14.20
C ASP A 8 11.91 10.71 13.04
N ILE A 9 12.42 11.69 12.29
CA ILE A 9 11.72 12.21 11.11
C ILE A 9 11.72 11.19 9.97
N LEU A 10 12.86 10.52 9.80
CA LEU A 10 13.02 9.53 8.73
C LEU A 10 12.03 8.39 8.89
N VAL A 11 11.85 7.93 10.13
CA VAL A 11 10.96 6.82 10.41
C VAL A 11 9.53 7.12 9.93
N VAL A 12 9.06 8.33 10.18
CA VAL A 12 7.70 8.70 9.76
C VAL A 12 7.58 8.58 8.24
N LEU A 13 8.56 9.15 7.53
CA LEU A 13 8.57 9.09 6.07
C LEU A 13 8.68 7.66 5.56
N LEU A 14 9.53 6.85 6.21
CA LEU A 14 9.71 5.46 5.81
C LEU A 14 8.40 4.69 5.97
N SER A 15 7.68 4.97 7.04
CA SER A 15 6.40 4.31 7.31
C SER A 15 5.34 4.73 6.30
N VAL A 16 5.34 6.01 5.94
CA VAL A 16 4.37 6.50 4.97
C VAL A 16 4.54 5.80 3.64
N MET A 17 5.79 5.70 3.22
CA MET A 17 6.11 5.08 1.94
C MET A 17 5.69 3.61 1.89
N GLY A 18 5.93 2.86 2.97
CA GLY A 18 5.56 1.46 3.00
C GLY A 18 4.04 1.26 2.98
N ALA A 19 3.34 2.04 3.79
CA ALA A 19 1.90 1.94 3.89
C ALA A 19 1.21 2.11 2.54
N ILE A 20 1.60 3.16 1.82
CA ILE A 20 1.01 3.45 0.51
C ILE A 20 1.33 2.33 -0.48
N LEU A 21 2.58 1.84 -0.46
CA LEU A 21 2.99 0.78 -1.36
C LEU A 21 2.25 -0.52 -1.09
N LEU A 22 2.10 -0.89 0.17
CA LEU A 22 1.41 -2.14 0.50
C LEU A 22 -0.04 -2.12 0.06
N ILE A 23 -0.70 -0.99 0.31
CA ILE A 23 -2.10 -0.84 -0.07
C ILE A 23 -2.26 -0.89 -1.60
N GLY A 24 -1.36 -0.21 -2.29
CA GLY A 24 -1.41 -0.19 -3.76
C GLY A 24 -1.30 -1.62 -4.28
N LEU A 25 -0.43 -2.40 -3.65
CA LEU A 25 -0.23 -3.79 -4.06
C LEU A 25 -1.53 -4.55 -3.91
N ALA A 26 -2.22 -4.33 -2.78
CA ALA A 26 -3.49 -4.99 -2.54
C ALA A 26 -4.54 -4.58 -3.56
N ALA A 27 -4.51 -3.32 -3.94
CA ALA A 27 -5.49 -2.84 -4.92
C ALA A 27 -5.29 -3.55 -6.25
N LEU A 28 -4.04 -3.72 -6.66
CA LEU A 28 -3.73 -4.37 -7.94
C LEU A 28 -4.16 -5.83 -7.95
N LEU A 29 -3.94 -6.54 -6.85
CA LEU A 29 -4.27 -7.96 -6.77
C LEU A 29 -5.76 -8.25 -6.90
N ILE A 30 -6.58 -7.46 -6.23
CA ILE A 30 -8.02 -7.65 -6.32
C ILE A 30 -8.50 -7.36 -7.74
N TRP A 31 -7.92 -6.32 -8.34
CA TRP A 31 -8.31 -5.98 -9.70
C TRP A 31 -8.15 -7.22 -10.59
N LYS A 32 -6.98 -7.84 -10.50
CA LYS A 32 -6.68 -9.03 -11.29
C LYS A 32 -7.65 -10.15 -10.95
N LEU A 33 -7.97 -10.30 -9.68
CA LEU A 33 -8.89 -11.34 -9.26
C LEU A 33 -10.24 -11.15 -9.94
N LEU A 34 -10.73 -9.91 -10.03
CA LEU A 34 -12.04 -9.68 -10.64
C LEU A 34 -12.07 -10.13 -12.11
N ILE A 35 -11.08 -9.68 -12.87
CA ILE A 35 -10.99 -10.01 -14.29
C ILE A 35 -10.68 -11.48 -14.56
N THR A 36 -9.78 -12.07 -13.77
CA THR A 36 -9.40 -13.46 -13.94
C THR A 36 -10.58 -14.43 -13.73
N ILE A 37 -11.38 -14.19 -12.70
CA ILE A 37 -12.51 -15.10 -12.42
C ILE A 37 -13.55 -15.06 -13.53
N HIS A 38 -13.89 -13.86 -13.99
CA HIS A 38 -14.88 -13.71 -15.05
C HIS A 38 -14.44 -12.66 -16.07
N ASP A 39 -14.62 -12.96 -17.35
CA ASP A 39 -14.25 -12.04 -18.41
C ASP A 39 -15.46 -11.20 -18.84
N ARG A 40 -16.60 -11.46 -18.19
CA ARG A 40 -17.83 -10.74 -18.50
C ARG A 40 -17.66 -9.24 -18.23
N LYS A 41 -17.03 -8.92 -17.11
CA LYS A 41 -16.82 -7.53 -16.74
C LYS A 41 -15.39 -7.08 -17.05
N GLU A 42 -15.25 -5.81 -17.44
CA GLU A 42 -13.93 -5.28 -17.74
C GLU A 42 -13.18 -6.23 -18.68
N PHE A 43 -11.89 -5.97 -18.88
CA PHE A 43 -11.10 -6.83 -19.76
C PHE A 43 -9.70 -7.03 -19.21
N PRO A 1 2.38 22.04 20.37
CA PRO A 1 2.96 21.68 19.06
C PRO A 1 4.40 21.19 19.29
N GLU A 2 5.07 21.80 20.25
CA GLU A 2 6.43 21.41 20.57
C GLU A 2 6.48 19.94 20.98
N SER A 3 7.47 19.22 20.47
CA SER A 3 7.62 17.81 20.80
C SER A 3 9.10 17.43 20.81
N PRO A 4 9.82 17.87 21.81
CA PRO A 4 11.27 17.60 21.96
C PRO A 4 11.58 16.10 22.08
N LYS A 5 12.72 15.70 21.53
CA LYS A 5 13.12 14.30 21.59
C LYS A 5 11.96 13.41 21.15
N GLY A 6 11.20 13.87 20.17
CA GLY A 6 10.06 13.13 19.66
C GLY A 6 10.50 12.07 18.65
N PRO A 7 9.56 11.48 17.96
CA PRO A 7 9.84 10.44 16.93
C PRO A 7 10.68 10.98 15.78
N ASP A 8 11.53 10.14 15.21
CA ASP A 8 12.39 10.54 14.11
C ASP A 8 11.55 10.85 12.87
N ILE A 9 11.97 11.86 12.12
CA ILE A 9 11.31 12.28 10.89
C ILE A 9 11.50 11.21 9.80
N LEU A 10 12.71 10.66 9.73
CA LEU A 10 13.04 9.66 8.71
C LEU A 10 12.17 8.41 8.86
N VAL A 11 11.95 7.98 10.09
CA VAL A 11 11.15 6.79 10.35
C VAL A 11 9.72 6.98 9.87
N VAL A 12 9.19 8.18 10.11
CA VAL A 12 7.83 8.50 9.69
C VAL A 12 7.67 8.38 8.17
N LEU A 13 8.61 8.98 7.46
CA LEU A 13 8.55 8.97 6.00
C LEU A 13 8.63 7.54 5.45
N LEU A 14 9.51 6.73 6.04
CA LEU A 14 9.68 5.34 5.60
C LEU A 14 8.40 4.54 5.82
N SER A 15 7.73 4.80 6.95
CA SER A 15 6.48 4.12 7.26
C SER A 15 5.41 4.54 6.27
N VAL A 16 5.43 5.82 5.91
CA VAL A 16 4.47 6.33 4.96
C VAL A 16 4.64 5.65 3.62
N MET A 17 5.89 5.55 3.18
CA MET A 17 6.20 4.95 1.89
C MET A 17 5.76 3.49 1.83
N GLY A 18 5.99 2.75 2.91
CA GLY A 18 5.61 1.34 2.94
C GLY A 18 4.09 1.16 2.96
N ALA A 19 3.42 1.94 3.80
CA ALA A 19 1.97 1.85 3.96
C ALA A 19 1.22 2.09 2.66
N ILE A 20 1.55 3.18 1.96
CA ILE A 20 0.88 3.50 0.71
C ILE A 20 1.18 2.43 -0.35
N LEU A 21 2.43 2.00 -0.41
CA LEU A 21 2.82 0.99 -1.38
C LEU A 21 2.14 -0.35 -1.11
N LEU A 22 2.03 -0.72 0.15
CA LEU A 22 1.42 -2.01 0.50
C LEU A 22 -0.04 -2.10 0.07
N ILE A 23 -0.81 -1.03 0.30
CA ILE A 23 -2.20 -1.03 -0.10
C ILE A 23 -2.31 -1.07 -1.61
N GLY A 24 -1.37 -0.42 -2.30
CA GLY A 24 -1.38 -0.40 -3.75
C GLY A 24 -1.32 -1.82 -4.30
N LEU A 25 -0.48 -2.66 -3.70
CA LEU A 25 -0.37 -4.03 -4.15
C LEU A 25 -1.68 -4.76 -3.93
N ALA A 26 -2.31 -4.53 -2.78
CA ALA A 26 -3.58 -5.16 -2.48
C ALA A 26 -4.63 -4.73 -3.50
N ALA A 27 -4.56 -3.46 -3.90
CA ALA A 27 -5.51 -2.94 -4.88
C ALA A 27 -5.37 -3.64 -6.24
N LEU A 28 -4.14 -3.77 -6.71
CA LEU A 28 -3.88 -4.42 -7.99
C LEU A 28 -4.30 -5.88 -7.98
N LEU A 29 -4.06 -6.54 -6.85
CA LEU A 29 -4.37 -7.96 -6.72
C LEU A 29 -5.86 -8.26 -6.86
N ILE A 30 -6.68 -7.44 -6.21
CA ILE A 30 -8.13 -7.58 -6.30
C ILE A 30 -8.59 -7.31 -7.73
N TRP A 31 -8.03 -6.28 -8.34
CA TRP A 31 -8.42 -5.96 -9.71
C TRP A 31 -8.20 -7.19 -10.59
N LYS A 32 -7.01 -7.76 -10.49
CA LYS A 32 -6.66 -8.95 -11.29
C LYS A 32 -7.60 -10.11 -10.94
N LEU A 33 -7.95 -10.23 -9.66
CA LEU A 33 -8.84 -11.30 -9.21
C LEU A 33 -10.18 -11.16 -9.92
N LEU A 34 -10.67 -9.93 -10.06
CA LEU A 34 -11.97 -9.74 -10.72
C LEU A 34 -11.93 -10.23 -12.16
N ILE A 35 -10.92 -9.77 -12.90
CA ILE A 35 -10.77 -10.12 -14.30
C ILE A 35 -10.45 -11.60 -14.52
N THR A 36 -9.56 -12.17 -13.72
CA THR A 36 -9.22 -13.58 -13.87
C THR A 36 -10.46 -14.44 -13.63
N ILE A 37 -11.18 -14.12 -12.56
CA ILE A 37 -12.39 -14.85 -12.22
C ILE A 37 -13.57 -14.27 -12.99
N HIS A 38 -13.28 -13.25 -13.79
CA HIS A 38 -14.31 -12.59 -14.60
C HIS A 38 -15.49 -12.13 -13.75
N ASP A 39 -15.69 -10.81 -13.71
CA ASP A 39 -16.78 -10.25 -12.92
C ASP A 39 -18.04 -10.11 -13.77
N ARG A 40 -19.06 -10.86 -13.40
CA ARG A 40 -20.33 -10.84 -14.12
C ARG A 40 -20.97 -9.47 -14.05
N LYS A 41 -20.89 -8.85 -12.88
CA LYS A 41 -21.47 -7.53 -12.68
C LYS A 41 -20.43 -6.57 -12.10
N GLU A 42 -20.44 -5.33 -12.59
CA GLU A 42 -19.49 -4.33 -12.10
C GLU A 42 -19.81 -3.95 -10.67
N PHE A 43 -18.80 -3.94 -9.82
CA PHE A 43 -18.99 -3.59 -8.42
C PHE A 43 -18.93 -2.07 -8.24
N PRO A 1 21.91 17.23 24.16
CA PRO A 1 23.27 17.45 23.61
C PRO A 1 24.19 16.30 24.02
N GLU A 2 23.98 15.78 25.23
CA GLU A 2 24.80 14.68 25.73
C GLU A 2 24.58 13.43 24.89
N SER A 3 23.34 13.22 24.47
CA SER A 3 23.02 12.05 23.64
C SER A 3 21.63 12.20 23.03
N PRO A 4 21.50 13.10 22.08
CA PRO A 4 20.19 13.35 21.39
C PRO A 4 19.64 12.11 20.69
N LYS A 5 18.32 11.94 20.72
CA LYS A 5 17.69 10.81 20.07
C LYS A 5 17.95 10.86 18.57
N GLY A 6 17.83 12.07 18.01
CA GLY A 6 18.07 12.26 16.58
C GLY A 6 16.77 12.44 15.82
N PRO A 7 16.87 12.70 14.54
CA PRO A 7 15.69 12.90 13.65
C PRO A 7 14.84 11.64 13.50
N ASP A 8 13.58 11.72 13.93
CA ASP A 8 12.66 10.60 13.81
C ASP A 8 11.79 10.76 12.57
N ILE A 9 11.98 11.89 11.90
CA ILE A 9 11.24 12.18 10.69
C ILE A 9 11.52 11.11 9.64
N LEU A 10 12.73 10.54 9.69
CA LEU A 10 13.10 9.49 8.74
C LEU A 10 12.20 8.28 8.88
N VAL A 11 11.91 7.90 10.13
CA VAL A 11 11.07 6.75 10.40
C VAL A 11 9.64 6.98 9.93
N VAL A 12 9.12 8.18 10.15
CA VAL A 12 7.76 8.48 9.73
C VAL A 12 7.64 8.35 8.22
N LEU A 13 8.59 8.94 7.51
CA LEU A 13 8.57 8.91 6.05
C LEU A 13 8.67 7.47 5.53
N LEU A 14 9.55 6.69 6.15
CA LEU A 14 9.73 5.30 5.74
C LEU A 14 8.45 4.50 5.94
N SER A 15 7.77 4.76 7.05
CA SER A 15 6.51 4.09 7.36
C SER A 15 5.43 4.51 6.36
N VAL A 16 5.43 5.79 6.02
CA VAL A 16 4.44 6.30 5.08
C VAL A 16 4.60 5.67 3.70
N MET A 17 5.84 5.59 3.22
CA MET A 17 6.09 5.03 1.90
C MET A 17 5.66 3.57 1.81
N GLY A 18 5.93 2.79 2.86
CA GLY A 18 5.55 1.39 2.85
C GLY A 18 4.03 1.23 2.90
N ALA A 19 3.38 1.99 3.77
CA ALA A 19 1.93 1.88 3.92
C ALA A 19 1.20 2.15 2.61
N ILE A 20 1.63 3.20 1.90
CA ILE A 20 1.03 3.54 0.62
C ILE A 20 1.27 2.42 -0.39
N LEU A 21 2.51 1.91 -0.39
CA LEU A 21 2.89 0.85 -1.30
C LEU A 21 2.11 -0.45 -1.02
N LEU A 22 1.93 -0.79 0.25
CA LEU A 22 1.22 -2.02 0.62
C LEU A 22 -0.23 -2.03 0.14
N ILE A 23 -0.93 -0.91 0.34
CA ILE A 23 -2.32 -0.83 -0.09
C ILE A 23 -2.42 -0.91 -1.61
N GLY A 24 -1.48 -0.26 -2.29
CA GLY A 24 -1.48 -0.27 -3.75
C GLY A 24 -1.37 -1.69 -4.26
N LEU A 25 -0.52 -2.48 -3.62
CA LEU A 25 -0.34 -3.87 -4.03
C LEU A 25 -1.65 -4.64 -3.86
N ALA A 26 -2.31 -4.42 -2.73
CA ALA A 26 -3.58 -5.11 -2.47
C ALA A 26 -4.62 -4.69 -3.51
N ALA A 27 -4.60 -3.44 -3.90
CA ALA A 27 -5.55 -2.95 -4.89
C ALA A 27 -5.35 -3.64 -6.23
N LEU A 28 -4.09 -3.76 -6.66
CA LEU A 28 -3.80 -4.39 -7.94
C LEU A 28 -4.20 -5.86 -7.96
N LEU A 29 -3.92 -6.57 -6.86
CA LEU A 29 -4.25 -7.99 -6.78
C LEU A 29 -5.75 -8.25 -6.87
N ILE A 30 -6.54 -7.44 -6.18
CA ILE A 30 -7.98 -7.57 -6.23
C ILE A 30 -8.46 -7.27 -7.65
N TRP A 31 -7.90 -6.22 -8.24
CA TRP A 31 -8.30 -5.87 -9.60
C TRP A 31 -8.13 -7.10 -10.49
N LYS A 32 -6.95 -7.73 -10.39
CA LYS A 32 -6.64 -8.91 -11.17
C LYS A 32 -7.63 -10.03 -10.86
N LEU A 33 -8.03 -10.11 -9.61
CA LEU A 33 -8.96 -11.15 -9.18
C LEU A 33 -10.28 -11.01 -9.94
N LEU A 34 -10.79 -9.78 -10.09
CA LEU A 34 -12.07 -9.61 -10.76
C LEU A 34 -12.01 -10.10 -12.20
N ILE A 35 -11.00 -9.64 -12.94
CA ILE A 35 -10.82 -9.98 -14.34
C ILE A 35 -10.46 -11.45 -14.55
N THR A 36 -9.54 -11.98 -13.75
CA THR A 36 -9.15 -13.38 -13.90
C THR A 36 -10.32 -14.32 -13.65
N ILE A 37 -11.09 -14.06 -12.60
CA ILE A 37 -12.23 -14.92 -12.29
C ILE A 37 -13.28 -14.88 -13.40
N HIS A 38 -13.58 -13.67 -13.86
CA HIS A 38 -14.56 -13.48 -14.92
C HIS A 38 -14.33 -14.50 -16.02
N ASP A 39 -15.41 -15.07 -16.54
CA ASP A 39 -15.30 -16.06 -17.59
C ASP A 39 -15.23 -15.37 -18.96
N ARG A 40 -14.06 -15.48 -19.59
CA ARG A 40 -13.86 -14.87 -20.91
C ARG A 40 -13.30 -15.90 -21.87
N LYS A 41 -13.86 -15.93 -23.08
CA LYS A 41 -13.39 -16.87 -24.09
C LYS A 41 -11.94 -16.58 -24.46
N GLU A 42 -11.62 -15.30 -24.62
CA GLU A 42 -10.27 -14.88 -24.98
C GLU A 42 -9.82 -15.60 -26.25
N PHE A 43 -10.03 -14.96 -27.40
CA PHE A 43 -9.65 -15.54 -28.68
C PHE A 43 -8.29 -16.22 -28.57
N PRO A 1 18.15 10.36 13.71
CA PRO A 1 18.95 11.54 14.13
C PRO A 1 19.97 11.86 13.06
N GLU A 2 19.78 11.25 11.89
CA GLU A 2 20.69 11.45 10.77
C GLU A 2 20.55 12.87 10.19
N SER A 3 19.31 13.32 10.04
CA SER A 3 19.07 14.65 9.49
C SER A 3 18.97 15.69 10.61
N PRO A 4 19.23 16.95 10.33
CA PRO A 4 19.17 18.04 11.35
C PRO A 4 17.77 18.22 11.94
N LYS A 5 17.72 18.51 13.24
CA LYS A 5 16.44 18.70 13.93
C LYS A 5 15.41 17.66 13.48
N GLY A 6 14.16 17.86 13.88
CA GLY A 6 13.09 16.94 13.52
C GLY A 6 13.48 15.49 13.82
N PRO A 7 13.44 15.12 15.07
CA PRO A 7 13.80 13.74 15.51
C PRO A 7 12.87 12.66 14.95
N ASP A 8 13.43 11.50 14.64
CA ASP A 8 12.64 10.39 14.12
C ASP A 8 11.77 10.83 12.95
N ILE A 9 12.23 11.80 12.18
CA ILE A 9 11.49 12.28 11.03
C ILE A 9 11.56 11.25 9.90
N LEU A 10 12.71 10.61 9.77
CA LEU A 10 12.93 9.62 8.72
C LEU A 10 12.01 8.41 8.87
N VAL A 11 11.81 7.98 10.11
CA VAL A 11 10.97 6.82 10.38
C VAL A 11 9.55 7.05 9.90
N VAL A 12 9.04 8.26 10.13
CA VAL A 12 7.69 8.58 9.71
C VAL A 12 7.55 8.44 8.21
N LEU A 13 8.50 9.04 7.48
CA LEU A 13 8.47 8.99 6.03
C LEU A 13 8.60 7.55 5.53
N LEU A 14 9.48 6.77 6.15
CA LEU A 14 9.66 5.38 5.76
C LEU A 14 8.38 4.59 5.96
N SER A 15 7.68 4.87 7.05
CA SER A 15 6.43 4.19 7.36
C SER A 15 5.35 4.57 6.34
N VAL A 16 5.30 5.85 5.99
CA VAL A 16 4.31 6.33 5.03
C VAL A 16 4.52 5.68 3.66
N MET A 17 5.77 5.64 3.20
CA MET A 17 6.07 5.08 1.90
C MET A 17 5.71 3.60 1.83
N GLY A 18 6.00 2.86 2.88
CA GLY A 18 5.69 1.44 2.92
C GLY A 18 4.19 1.20 2.93
N ALA A 19 3.47 1.95 3.75
CA ALA A 19 2.03 1.78 3.86
C ALA A 19 1.34 2.01 2.52
N ILE A 20 1.76 3.06 1.80
CA ILE A 20 1.18 3.38 0.50
C ILE A 20 1.46 2.27 -0.50
N LEU A 21 2.69 1.77 -0.50
CA LEU A 21 3.08 0.71 -1.44
C LEU A 21 2.29 -0.57 -1.19
N LEU A 22 2.12 -0.96 0.08
CA LEU A 22 1.38 -2.18 0.38
C LEU A 22 -0.08 -2.07 -0.02
N ILE A 23 -0.67 -0.91 0.23
CA ILE A 23 -2.07 -0.69 -0.12
C ILE A 23 -2.23 -0.80 -1.63
N GLY A 24 -1.28 -0.21 -2.35
CA GLY A 24 -1.32 -0.25 -3.82
C GLY A 24 -1.31 -1.68 -4.33
N LEU A 25 -0.48 -2.52 -3.70
CA LEU A 25 -0.38 -3.92 -4.12
C LEU A 25 -1.72 -4.64 -3.92
N ALA A 26 -2.37 -4.40 -2.79
CA ALA A 26 -3.65 -5.04 -2.51
C ALA A 26 -4.70 -4.62 -3.53
N ALA A 27 -4.68 -3.34 -3.89
CA ALA A 27 -5.65 -2.85 -4.87
C ALA A 27 -5.46 -3.54 -6.21
N LEU A 28 -4.22 -3.63 -6.67
CA LEU A 28 -3.92 -4.24 -7.95
C LEU A 28 -4.27 -5.73 -7.94
N LEU A 29 -3.99 -6.39 -6.82
CA LEU A 29 -4.24 -7.82 -6.69
C LEU A 29 -5.72 -8.18 -6.83
N ILE A 30 -6.59 -7.42 -6.16
CA ILE A 30 -8.02 -7.70 -6.25
C ILE A 30 -8.51 -7.42 -7.67
N TRP A 31 -7.93 -6.39 -8.28
CA TRP A 31 -8.34 -6.06 -9.64
C TRP A 31 -8.14 -7.29 -10.54
N LYS A 32 -6.95 -7.90 -10.45
CA LYS A 32 -6.63 -9.07 -11.27
C LYS A 32 -7.60 -10.21 -10.97
N LEU A 33 -7.97 -10.37 -9.70
CA LEU A 33 -8.90 -11.42 -9.31
C LEU A 33 -10.26 -11.23 -10.00
N LEU A 34 -10.75 -10.00 -10.09
CA LEU A 34 -12.05 -9.77 -10.71
C LEU A 34 -12.05 -10.23 -12.17
N ILE A 35 -11.05 -9.78 -12.91
CA ILE A 35 -10.91 -10.12 -14.31
C ILE A 35 -10.58 -11.58 -14.53
N THR A 36 -9.67 -12.12 -13.72
CA THR A 36 -9.29 -13.53 -13.85
C THR A 36 -10.51 -14.43 -13.60
N ILE A 37 -11.26 -14.15 -12.54
CA ILE A 37 -12.44 -14.96 -12.24
C ILE A 37 -13.62 -14.46 -13.05
N HIS A 38 -13.38 -13.40 -13.81
CA HIS A 38 -14.42 -12.82 -14.67
C HIS A 38 -15.64 -12.42 -13.85
N ASP A 39 -16.11 -11.19 -14.04
CA ASP A 39 -17.29 -10.71 -13.32
C ASP A 39 -18.54 -11.40 -13.86
N ARG A 40 -19.54 -11.60 -13.00
CA ARG A 40 -20.77 -12.26 -13.42
C ARG A 40 -21.76 -11.24 -14.00
N LYS A 41 -22.32 -11.55 -15.16
CA LYS A 41 -23.28 -10.64 -15.78
C LYS A 41 -24.62 -10.69 -15.05
N GLU A 42 -25.31 -9.56 -15.01
CA GLU A 42 -26.61 -9.48 -14.34
C GLU A 42 -27.64 -10.33 -15.08
N PHE A 43 -27.60 -10.29 -16.41
CA PHE A 43 -28.54 -11.06 -17.21
C PHE A 43 -28.37 -12.55 -16.96
N PRO A 1 21.05 3.25 30.74
CA PRO A 1 21.85 2.98 29.53
C PRO A 1 21.70 4.14 28.55
N GLU A 2 22.68 4.28 27.65
CA GLU A 2 22.65 5.35 26.66
C GLU A 2 22.51 4.77 25.26
N SER A 3 21.49 5.20 24.54
CA SER A 3 21.27 4.70 23.18
C SER A 3 20.57 5.75 22.31
N PRO A 4 21.29 6.79 21.95
CA PRO A 4 20.73 7.89 21.10
C PRO A 4 20.31 7.42 19.72
N LYS A 5 19.26 8.04 19.18
CA LYS A 5 18.76 7.70 17.85
C LYS A 5 18.66 8.95 16.99
N GLY A 6 19.06 8.83 15.73
CA GLY A 6 19.01 9.96 14.80
C GLY A 6 17.61 10.57 14.77
N PRO A 7 17.35 11.40 13.80
CA PRO A 7 16.01 12.06 13.64
C PRO A 7 14.90 11.03 13.47
N ASP A 8 13.73 11.32 14.04
CA ASP A 8 12.60 10.41 13.94
C ASP A 8 11.75 10.76 12.71
N ILE A 9 12.21 11.77 11.98
CA ILE A 9 11.54 12.23 10.77
C ILE A 9 11.58 11.14 9.70
N LEU A 10 12.72 10.48 9.61
CA LEU A 10 12.91 9.43 8.61
C LEU A 10 11.92 8.28 8.83
N VAL A 11 11.72 7.91 10.09
CA VAL A 11 10.82 6.82 10.44
C VAL A 11 9.39 7.08 10.00
N VAL A 12 8.90 8.29 10.25
CA VAL A 12 7.54 8.62 9.87
C VAL A 12 7.39 8.52 8.36
N LEU A 13 8.36 9.11 7.65
CA LEU A 13 8.33 9.09 6.19
C LEU A 13 8.47 7.65 5.67
N LEU A 14 9.38 6.87 6.28
CA LEU A 14 9.59 5.48 5.84
C LEU A 14 8.32 4.67 6.03
N SER A 15 7.62 4.93 7.14
CA SER A 15 6.37 4.24 7.43
C SER A 15 5.32 4.63 6.40
N VAL A 16 5.31 5.91 6.03
CA VAL A 16 4.35 6.40 5.05
C VAL A 16 4.56 5.74 3.69
N MET A 17 5.82 5.69 3.24
CA MET A 17 6.13 5.12 1.93
C MET A 17 5.77 3.64 1.86
N GLY A 18 6.07 2.89 2.92
CA GLY A 18 5.77 1.47 2.93
C GLY A 18 4.27 1.21 2.94
N ALA A 19 3.55 1.97 3.76
CA ALA A 19 2.10 1.80 3.88
C ALA A 19 1.39 1.97 2.54
N ILE A 20 1.75 3.02 1.83
CA ILE A 20 1.14 3.30 0.53
C ILE A 20 1.44 2.19 -0.48
N LEU A 21 2.69 1.73 -0.50
CA LEU A 21 3.09 0.67 -1.44
C LEU A 21 2.35 -0.63 -1.19
N LEU A 22 2.24 -1.04 0.07
CA LEU A 22 1.54 -2.29 0.38
C LEU A 22 0.06 -2.22 0.02
N ILE A 23 -0.56 -1.08 0.33
CA ILE A 23 -1.97 -0.87 0.03
C ILE A 23 -2.20 -0.88 -1.48
N GLY A 24 -1.31 -0.21 -2.21
CA GLY A 24 -1.41 -0.15 -3.67
C GLY A 24 -1.34 -1.56 -4.26
N LEU A 25 -0.46 -2.37 -3.69
CA LEU A 25 -0.29 -3.74 -4.16
C LEU A 25 -1.58 -4.53 -4.00
N ALA A 26 -2.23 -4.35 -2.86
CA ALA A 26 -3.49 -5.04 -2.59
C ALA A 26 -4.54 -4.68 -3.65
N ALA A 27 -4.52 -3.42 -4.06
CA ALA A 27 -5.49 -2.95 -5.05
C ALA A 27 -5.36 -3.69 -6.39
N LEU A 28 -4.13 -3.83 -6.88
CA LEU A 28 -3.89 -4.51 -8.16
C LEU A 28 -4.30 -5.98 -8.14
N LEU A 29 -3.99 -6.66 -7.04
CA LEU A 29 -4.32 -8.08 -6.94
C LEU A 29 -5.82 -8.33 -6.99
N ILE A 30 -6.57 -7.50 -6.28
CA ILE A 30 -8.02 -7.63 -6.31
C ILE A 30 -8.51 -7.34 -7.72
N TRP A 31 -7.97 -6.29 -8.32
CA TRP A 31 -8.38 -5.94 -9.68
C TRP A 31 -8.21 -7.18 -10.57
N LYS A 32 -7.03 -7.80 -10.50
CA LYS A 32 -6.72 -8.99 -11.29
C LYS A 32 -7.66 -10.14 -10.91
N LEU A 33 -8.01 -10.23 -9.62
CA LEU A 33 -8.89 -11.30 -9.16
C LEU A 33 -10.23 -11.17 -9.88
N LEU A 34 -10.75 -9.96 -10.01
CA LEU A 34 -12.05 -9.79 -10.65
C LEU A 34 -12.01 -10.26 -12.10
N ILE A 35 -10.99 -9.83 -12.82
CA ILE A 35 -10.84 -10.18 -14.24
C ILE A 35 -10.52 -11.66 -14.45
N THR A 36 -9.63 -12.23 -13.64
CA THR A 36 -9.29 -13.63 -13.79
C THR A 36 -10.53 -14.49 -13.59
N ILE A 37 -11.30 -14.16 -12.57
CA ILE A 37 -12.52 -14.90 -12.27
C ILE A 37 -13.70 -14.27 -13.00
N HIS A 38 -13.43 -13.24 -13.79
CA HIS A 38 -14.47 -12.54 -14.52
C HIS A 38 -15.70 -12.34 -13.65
N ASP A 39 -16.80 -11.92 -14.27
CA ASP A 39 -18.03 -11.70 -13.53
C ASP A 39 -18.55 -13.00 -12.93
N ARG A 40 -19.07 -12.93 -11.70
CA ARG A 40 -19.60 -14.12 -11.03
C ARG A 40 -20.94 -13.80 -10.34
N LYS A 41 -21.86 -14.77 -10.34
CA LYS A 41 -23.16 -14.58 -9.70
C LYS A 41 -23.18 -15.24 -8.32
N GLU A 42 -23.88 -14.60 -7.39
CA GLU A 42 -23.99 -15.12 -6.02
C GLU A 42 -25.45 -15.36 -5.64
N PHE A 43 -25.71 -16.55 -5.11
CA PHE A 43 -27.07 -16.90 -4.70
C PHE A 43 -27.30 -16.47 -3.25
#